data_2A92
#
_entry.id   2A92
#
_cell.length_a   81.593
_cell.length_b   128.636
_cell.length_c   130.580
_cell.angle_alpha   90.00
_cell.angle_beta   90.00
_cell.angle_gamma   90.00
#
_symmetry.space_group_name_H-M   'P 21 21 21'
#
loop_
_entity.id
_entity.type
_entity.pdbx_description
1 polymer 'L-lactate dehydrogenase'
2 non-polymer '1,4-DIHYDRONICOTINAMIDE ADENINE DINUCLEOTIDE'
3 water water
#
_entity_poly.entity_id   1
_entity_poly.type   'polypeptide(L)'
_entity_poly.pdbx_seq_one_letter_code
;TPKPKIVLVGSGMIGGVMATLIVQKNLGDVVMFDVVKNMPQGKALDTSHSNVMAYSNCKVTGSNSYDDLKGADVVIVTAG
FTKAPGKSDKEWNRDDLLPLNNKIMIEIGGHIKNLCPNAFIIVVTNPVDVMVQLLFEHSGVPKNKIIGLGGVLDTSRLKY
YISQKLNVCPRDVNALIVGAHGNKMVLLKRYITVGGIPLQEFINNKKITDEEVEGIFDRTVNTALEIVNLLASPYVAPAA
AIIEMAESYLKDIKKVLVCSTLLEGQYGHSNIFGGTPLVIGGTGVEQVIELQLNAEEKTKFDEAVAETKRMKALIHHHHH
H
;
_entity_poly.pdbx_strand_id   A,B,C,D
#
# COMPACT_ATOMS: atom_id res chain seq x y z
N THR A 1 15.34 9.83 -4.22
CA THR A 1 15.88 10.77 -5.26
C THR A 1 16.88 11.77 -4.62
N PRO A 2 18.12 11.33 -4.33
CA PRO A 2 18.68 9.98 -4.45
C PRO A 2 18.34 9.05 -3.28
N LYS A 3 17.90 7.84 -3.63
CA LYS A 3 17.42 6.75 -2.73
C LYS A 3 18.09 6.84 -1.32
N PRO A 4 17.29 6.87 -0.22
CA PRO A 4 17.92 6.80 1.12
C PRO A 4 18.73 5.51 1.31
N LYS A 5 19.79 5.59 2.11
CA LYS A 5 20.59 4.43 2.49
C LYS A 5 20.34 4.07 3.97
N ILE A 6 19.91 2.83 4.17
CA ILE A 6 19.59 2.30 5.53
C ILE A 6 20.60 1.24 5.89
N VAL A 7 21.38 1.47 6.94
CA VAL A 7 22.33 0.45 7.38
C VAL A 7 21.82 -0.28 8.64
N LEU A 8 21.65 -1.61 8.52
CA LEU A 8 21.28 -2.46 9.67
C LEU A 8 22.54 -3.01 10.32
N VAL A 9 22.89 -2.46 11.47
CA VAL A 9 24.06 -2.91 12.22
C VAL A 9 23.61 -4.06 13.12
N GLY A 10 23.84 -5.29 12.65
CA GLY A 10 23.17 -6.47 13.22
C GLY A 10 22.16 -7.04 12.22
N SER A 11 22.41 -8.26 11.76
CA SER A 11 21.55 -8.89 10.75
C SER A 11 20.98 -10.22 11.26
N GLY A 12 20.52 -10.23 12.52
CA GLY A 12 19.97 -11.44 13.12
C GLY A 12 18.51 -11.52 12.80
N MET A 13 17.73 -11.94 13.77
CA MET A 13 16.31 -12.17 13.59
C MET A 13 15.55 -10.88 13.23
N ILE A 14 15.77 -9.84 14.03
CA ILE A 14 15.09 -8.55 13.84
C ILE A 14 15.62 -7.95 12.54
N GLY A 15 16.93 -7.97 12.36
CA GLY A 15 17.55 -7.47 11.12
C GLY A 15 16.92 -8.02 9.84
N GLY A 16 16.69 -9.34 9.79
CA GLY A 16 16.11 -10.00 8.62
C GLY A 16 14.69 -9.52 8.34
N VAL A 17 13.88 -9.35 9.39
CA VAL A 17 12.52 -8.86 9.18
C VAL A 17 12.55 -7.40 8.70
N MET A 18 13.39 -6.58 9.31
CA MET A 18 13.51 -5.20 8.87
C MET A 18 13.87 -5.06 7.38
N ALA A 19 14.87 -5.81 6.90
CA ALA A 19 15.25 -5.78 5.47
C ALA A 19 14.05 -6.15 4.58
N THR A 20 13.30 -7.16 5.02
CA THR A 20 12.11 -7.62 4.29
C THR A 20 11.06 -6.50 4.16
N LEU A 21 10.75 -5.87 5.29
CA LEU A 21 9.76 -4.81 5.35
C LEU A 21 10.20 -3.57 4.59
N ILE A 22 11.48 -3.23 4.65
CA ILE A 22 12.03 -2.08 3.88
C ILE A 22 11.79 -2.26 2.36
N VAL A 23 12.08 -3.46 1.86
CA VAL A 23 11.77 -3.84 0.49
C VAL A 23 10.27 -3.78 0.15
N GLN A 24 9.40 -4.34 1.00
CA GLN A 24 7.94 -4.24 0.80
C GLN A 24 7.46 -2.80 0.63
N LYS A 25 8.03 -1.90 1.43
CA LYS A 25 7.65 -0.48 1.42
C LYS A 25 8.52 0.39 0.53
N ASN A 26 9.46 -0.22 -0.21
CA ASN A 26 10.33 0.53 -1.13
C ASN A 26 11.01 1.73 -0.45
N LEU A 27 11.48 1.54 0.80
CA LEU A 27 11.94 2.67 1.64
C LEU A 27 13.34 3.19 1.37
N GLY A 28 14.24 2.34 0.89
CA GLY A 28 15.64 2.74 0.66
C GLY A 28 16.51 1.54 0.36
N ASP A 29 17.73 1.81 -0.14
CA ASP A 29 18.75 0.78 -0.22
C ASP A 29 19.10 0.30 1.19
N VAL A 30 19.38 -1.00 1.33
CA VAL A 30 19.66 -1.61 2.61
C VAL A 30 21.04 -2.25 2.64
N VAL A 31 21.81 -2.00 3.69
CA VAL A 31 23.05 -2.77 3.90
C VAL A 31 22.76 -3.60 5.14
N MET A 32 22.86 -4.93 5.00
CA MET A 32 22.74 -5.77 6.16
C MET A 32 24.15 -6.06 6.67
N PHE A 33 24.52 -5.45 7.81
CA PHE A 33 25.86 -5.65 8.39
C PHE A 33 25.80 -6.64 9.57
N ASP A 34 26.79 -7.52 9.63
CA ASP A 34 26.99 -8.36 10.82
C ASP A 34 28.48 -8.68 11.02
N VAL A 35 28.85 -9.07 12.23
CA VAL A 35 30.20 -9.62 12.47
C VAL A 35 30.31 -11.08 11.99
N VAL A 36 29.18 -11.79 11.92
CA VAL A 36 29.19 -13.18 11.43
C VAL A 36 29.43 -13.21 9.91
N LYS A 37 30.46 -13.94 9.49
CA LYS A 37 30.83 -13.98 8.07
C LYS A 37 29.77 -14.70 7.27
N ASN A 38 29.55 -14.24 6.03
CA ASN A 38 28.68 -14.89 5.02
C ASN A 38 27.17 -14.79 5.27
N MET A 39 26.76 -14.94 6.51
CA MET A 39 25.33 -14.83 6.87
C MET A 39 24.55 -13.59 6.37
N PRO A 40 25.08 -12.35 6.58
CA PRO A 40 24.34 -11.20 6.05
C PRO A 40 24.32 -11.18 4.50
N GLN A 41 25.40 -11.64 3.86
CA GLN A 41 25.38 -11.77 2.41
C GLN A 41 24.29 -12.71 1.88
N GLY A 42 24.06 -13.86 2.56
CA GLY A 42 23.02 -14.81 2.11
C GLY A 42 21.61 -14.23 2.33
N LYS A 43 21.39 -13.64 3.49
CA LYS A 43 20.12 -13.00 3.78
C LYS A 43 19.79 -11.90 2.77
N ALA A 44 20.78 -11.07 2.46
CA ALA A 44 20.62 -9.96 1.49
C ALA A 44 20.29 -10.46 0.09
N LEU A 45 21.01 -11.50 -0.36
CA LEU A 45 20.73 -12.14 -1.66
C LEU A 45 19.27 -12.64 -1.78
N ASP A 46 18.84 -13.44 -0.80
CA ASP A 46 17.49 -13.95 -0.73
C ASP A 46 16.47 -12.75 -0.72
N THR A 47 16.71 -11.75 0.13
CA THR A 47 15.79 -10.61 0.27
C THR A 47 15.76 -9.75 -1.01
N SER A 48 16.89 -9.66 -1.70
CA SER A 48 16.96 -8.81 -2.87
C SER A 48 15.98 -9.27 -3.99
N HIS A 49 15.75 -10.58 -4.09
CA HIS A 49 14.86 -11.12 -5.14
C HIS A 49 13.40 -10.69 -4.90
N SER A 50 13.08 -10.38 -3.63
CA SER A 50 11.71 -10.01 -3.28
C SER A 50 11.27 -8.62 -3.82
N ASN A 51 12.25 -7.81 -4.25
CA ASN A 51 11.98 -6.61 -5.09
C ASN A 51 10.98 -6.87 -6.24
N VAL A 52 11.14 -8.01 -6.92
CA VAL A 52 10.26 -8.35 -8.07
C VAL A 52 8.82 -8.44 -7.58
N MET A 53 8.55 -9.27 -6.57
CA MET A 53 7.19 -9.43 -6.02
C MET A 53 6.63 -8.11 -5.47
N ALA A 54 7.49 -7.31 -4.85
CA ALA A 54 7.06 -6.05 -4.19
C ALA A 54 6.88 -4.89 -5.18
N TYR A 55 7.30 -5.07 -6.45
CA TYR A 55 7.47 -3.92 -7.40
C TYR A 55 8.31 -2.81 -6.77
N SER A 56 9.40 -3.15 -6.10
CA SER A 56 10.27 -2.16 -5.50
C SER A 56 11.61 -2.04 -6.22
N ASN A 57 12.47 -1.11 -5.80
CA ASN A 57 13.83 -1.10 -6.33
C ASN A 57 14.80 -0.64 -5.24
N CYS A 58 15.06 -1.54 -4.30
CA CYS A 58 15.98 -1.28 -3.21
C CYS A 58 17.13 -2.28 -3.36
N LYS A 59 18.35 -1.76 -3.47
CA LYS A 59 19.56 -2.62 -3.40
C LYS A 59 19.64 -3.16 -1.99
N VAL A 60 19.85 -4.47 -1.88
CA VAL A 60 20.01 -5.09 -0.57
C VAL A 60 21.33 -5.84 -0.64
N THR A 61 22.28 -5.45 0.19
CA THR A 61 23.61 -6.08 0.15
C THR A 61 24.05 -6.48 1.55
N GLY A 62 24.95 -7.45 1.64
CA GLY A 62 25.38 -7.94 2.95
C GLY A 62 26.82 -7.48 3.15
N SER A 63 27.21 -7.25 4.41
CA SER A 63 28.57 -6.73 4.67
C SER A 63 29.13 -7.24 5.99
N ASN A 64 30.42 -7.54 6.00
CA ASN A 64 31.17 -7.70 7.26
C ASN A 64 32.15 -6.55 7.51
N SER A 65 31.96 -5.44 6.80
CA SER A 65 32.84 -4.27 6.92
C SER A 65 32.09 -3.03 7.43
N TYR A 66 32.65 -2.36 8.45
CA TYR A 66 32.01 -1.14 8.97
C TYR A 66 32.09 0.04 7.97
N ASP A 67 32.87 -0.12 6.90
CA ASP A 67 32.99 0.88 5.81
C ASP A 67 31.62 1.21 5.20
N ASP A 68 30.74 0.22 5.13
CA ASP A 68 29.43 0.41 4.54
C ASP A 68 28.52 1.38 5.34
N LEU A 69 28.97 1.82 6.52
CA LEU A 69 28.31 2.94 7.23
C LEU A 69 28.42 4.27 6.44
N LYS A 70 29.48 4.44 5.65
CA LYS A 70 29.60 5.65 4.83
C LYS A 70 28.34 5.94 3.97
N GLY A 71 27.79 7.15 4.14
CA GLY A 71 26.61 7.60 3.36
C GLY A 71 25.25 7.23 3.95
N ALA A 72 25.23 6.53 5.09
CA ALA A 72 23.98 6.06 5.70
C ALA A 72 23.12 7.27 6.11
N ASP A 73 21.84 7.23 5.75
CA ASP A 73 20.83 8.17 6.21
C ASP A 73 20.21 7.74 7.53
N VAL A 74 20.08 6.42 7.67
CA VAL A 74 19.51 5.78 8.86
C VAL A 74 20.37 4.57 9.23
N VAL A 75 20.70 4.50 10.52
CA VAL A 75 21.46 3.39 11.06
C VAL A 75 20.60 2.78 12.15
N ILE A 76 20.35 1.49 12.06
CA ILE A 76 19.57 0.77 13.05
C ILE A 76 20.45 -0.27 13.75
N VAL A 77 20.61 -0.14 15.07
CA VAL A 77 21.55 -1.01 15.80
C VAL A 77 20.82 -2.10 16.63
N THR A 78 20.93 -3.34 16.19
CA THR A 78 20.44 -4.51 16.94
C THR A 78 21.59 -5.43 17.39
N ALA A 79 22.82 -5.05 17.03
CA ALA A 79 24.03 -5.79 17.41
C ALA A 79 24.13 -5.94 18.92
N GLY A 80 24.39 -7.16 19.37
CA GLY A 80 24.65 -7.41 20.78
C GLY A 80 24.94 -8.87 21.10
N PHE A 81 25.34 -9.11 22.34
CA PHE A 81 25.64 -10.42 22.91
C PHE A 81 24.43 -11.08 23.56
N THR A 82 24.46 -12.40 23.61
CA THR A 82 23.55 -13.17 24.44
C THR A 82 24.06 -14.61 24.67
N LYS A 83 23.44 -15.31 25.62
CA LYS A 83 23.90 -16.66 25.97
C LYS A 83 25.04 -16.60 26.99
N ALA A 84 25.45 -17.77 27.47
CA ALA A 84 26.52 -17.86 28.47
C ALA A 84 27.28 -19.18 28.39
N PRO A 85 28.47 -19.23 29.03
CA PRO A 85 29.33 -20.41 29.01
C PRO A 85 29.09 -21.34 30.20
N GLY A 86 30.05 -22.24 30.44
CA GLY A 86 29.97 -23.19 31.54
C GLY A 86 28.66 -23.10 32.31
N LYS A 87 28.40 -21.93 32.88
CA LYS A 87 27.19 -21.73 33.68
C LYS A 87 26.26 -22.93 33.59
N SER A 88 25.71 -23.34 34.73
CA SER A 88 24.82 -24.48 34.79
C SER A 88 23.72 -24.27 35.82
N ASP A 89 22.47 -24.26 35.35
CA ASP A 89 22.17 -24.43 33.94
C ASP A 89 21.04 -23.47 33.56
N LYS A 90 20.63 -22.67 34.53
CA LYS A 90 19.52 -21.75 34.37
C LYS A 90 19.87 -20.39 34.96
N GLU A 91 21.12 -20.26 35.42
CA GLU A 91 21.55 -19.06 36.13
C GLU A 91 22.34 -18.07 35.24
N TRP A 92 22.05 -18.06 33.95
CA TRP A 92 22.69 -17.12 33.04
C TRP A 92 22.51 -15.69 33.59
N ASN A 93 23.60 -14.95 33.77
CA ASN A 93 23.49 -13.64 34.39
C ASN A 93 23.01 -12.51 33.49
N ARG A 94 22.81 -11.34 34.10
CA ARG A 94 22.02 -10.26 33.53
C ARG A 94 22.74 -9.35 32.53
N ASP A 95 23.22 -8.14 32.85
CA ASP A 95 23.96 -7.64 34.04
C ASP A 95 25.45 -7.61 33.69
N ASP A 96 26.05 -8.74 33.35
CA ASP A 96 27.33 -8.69 32.67
C ASP A 96 27.35 -9.57 31.41
N LEU A 97 26.34 -9.61 30.52
CA LEU A 97 25.91 -8.58 29.53
C LEU A 97 26.71 -7.31 29.25
N LEU A 98 26.87 -6.35 30.15
CA LEU A 98 26.33 -5.03 30.06
C LEU A 98 27.71 -4.42 29.61
N PRO A 99 28.83 -4.85 30.27
CA PRO A 99 30.15 -4.46 29.74
C PRO A 99 30.46 -5.02 28.37
N LEU A 100 29.90 -6.18 28.01
CA LEU A 100 30.19 -6.77 26.69
C LEU A 100 29.45 -5.98 25.62
N ASN A 101 28.21 -5.61 25.90
CA ASN A 101 27.45 -4.82 24.95
C ASN A 101 27.95 -3.36 24.85
N ASN A 102 28.45 -2.83 25.97
CA ASN A 102 29.14 -1.55 25.94
C ASN A 102 30.34 -1.50 24.97
N LYS A 103 31.15 -2.55 24.92
CA LYS A 103 32.30 -2.61 23.99
C LYS A 103 31.85 -2.62 22.53
N ILE A 104 30.73 -3.27 22.26
CA ILE A 104 30.10 -3.22 20.92
C ILE A 104 29.70 -1.77 20.53
N MET A 105 29.08 -1.04 21.44
CA MET A 105 28.69 0.34 21.24
C MET A 105 29.86 1.30 21.04
N ILE A 106 30.95 1.04 21.75
CA ILE A 106 32.17 1.80 21.57
C ILE A 106 32.66 1.65 20.14
N GLU A 107 32.71 0.41 19.63
CA GLU A 107 33.21 0.09 18.29
C GLU A 107 32.32 0.71 17.21
N ILE A 108 31.01 0.51 17.35
CA ILE A 108 30.05 1.06 16.40
C ILE A 108 30.06 2.59 16.39
N GLY A 109 30.01 3.21 17.58
CA GLY A 109 30.02 4.67 17.69
C GLY A 109 31.22 5.35 17.05
N GLY A 110 32.42 4.79 17.25
CA GLY A 110 33.63 5.29 16.61
C GLY A 110 33.49 5.31 15.10
N HIS A 111 32.89 4.29 14.50
CA HIS A 111 32.75 4.27 13.05
C HIS A 111 31.64 5.23 12.59
N ILE A 112 30.58 5.36 13.38
CA ILE A 112 29.51 6.32 13.05
C ILE A 112 30.09 7.75 13.06
N LYS A 113 30.86 8.09 14.10
CA LYS A 113 31.50 9.39 14.23
C LYS A 113 32.37 9.66 12.98
N ASN A 114 33.08 8.65 12.52
CA ASN A 114 34.01 8.83 11.38
C ASN A 114 33.29 8.85 10.03
N LEU A 115 32.25 8.04 9.87
CA LEU A 115 31.74 7.69 8.52
C LEU A 115 30.36 8.24 8.19
N CYS A 116 29.52 8.41 9.19
CA CYS A 116 28.18 8.90 8.92
C CYS A 116 27.67 9.75 10.09
N PRO A 117 28.40 10.83 10.45
CA PRO A 117 28.01 11.63 11.62
C PRO A 117 26.64 12.31 11.53
N ASN A 118 26.08 12.41 10.34
CA ASN A 118 24.76 13.02 10.22
C ASN A 118 23.61 12.03 10.05
N ALA A 119 23.88 10.74 10.27
CA ALA A 119 22.81 9.73 10.22
C ALA A 119 21.83 9.90 11.36
N PHE A 120 20.59 9.47 11.16
CA PHE A 120 19.60 9.28 12.25
C PHE A 120 19.74 7.84 12.80
N ILE A 121 19.90 7.69 14.10
CA ILE A 121 20.26 6.38 14.67
C ILE A 121 19.13 5.88 15.56
N ILE A 122 18.74 4.63 15.35
CA ILE A 122 17.80 3.95 16.22
C ILE A 122 18.50 2.76 16.89
N VAL A 123 18.49 2.75 18.23
CA VAL A 123 19.14 1.70 19.01
C VAL A 123 18.10 0.74 19.55
N VAL A 124 18.35 -0.55 19.35
CA VAL A 124 17.45 -1.61 19.80
C VAL A 124 18.09 -2.49 20.89
N THR A 125 19.41 -2.69 20.80
CA THR A 125 20.21 -3.51 21.71
C THR A 125 19.80 -3.33 23.19
N ASN A 126 19.49 -4.42 23.89
CA ASN A 126 19.09 -4.34 25.30
C ASN A 126 20.26 -4.26 26.30
N PRO A 127 20.05 -3.61 27.48
CA PRO A 127 18.89 -2.81 27.89
C PRO A 127 18.91 -1.47 27.18
N VAL A 128 17.84 -1.19 26.47
CA VAL A 128 17.85 -0.21 25.39
C VAL A 128 18.14 1.22 25.92
N ASP A 129 17.53 1.57 27.05
CA ASP A 129 17.63 2.90 27.64
C ASP A 129 19.06 3.19 28.10
N VAL A 130 19.79 2.14 28.47
CA VAL A 130 21.21 2.27 28.75
C VAL A 130 22.04 2.32 27.44
N MET A 131 21.81 1.39 26.52
CA MET A 131 22.65 1.27 25.32
C MET A 131 22.51 2.48 24.39
N VAL A 132 21.30 3.04 24.29
CA VAL A 132 21.09 4.23 23.44
C VAL A 132 21.96 5.39 23.93
N GLN A 133 22.05 5.57 25.26
CA GLN A 133 22.84 6.67 25.77
C GLN A 133 24.35 6.46 25.59
N LEU A 134 24.78 5.22 25.77
CA LEU A 134 26.17 4.80 25.51
C LEU A 134 26.54 5.11 24.05
N LEU A 135 25.69 4.70 23.09
CA LEU A 135 25.95 5.02 21.66
C LEU A 135 25.96 6.53 21.36
N PHE A 136 24.96 7.26 21.85
CA PHE A 136 24.96 8.74 21.86
C PHE A 136 26.31 9.30 22.26
N GLU A 137 26.79 8.86 23.42
CA GLU A 137 28.07 9.28 23.98
C GLU A 137 29.28 8.89 23.13
N HIS A 138 29.29 7.67 22.61
CA HIS A 138 30.45 7.22 21.82
C HIS A 138 30.46 7.75 20.40
N SER A 139 29.28 7.98 19.81
CA SER A 139 29.17 8.44 18.41
C SER A 139 29.28 9.97 18.18
N GLY A 140 28.93 10.77 19.20
CA GLY A 140 28.93 12.23 19.10
C GLY A 140 27.78 12.87 18.34
N VAL A 141 26.77 12.08 17.96
CA VAL A 141 25.64 12.59 17.15
C VAL A 141 24.77 13.54 18.01
N PRO A 142 24.05 14.50 17.36
CA PRO A 142 23.15 15.36 18.14
C PRO A 142 22.04 14.58 18.85
N LYS A 143 21.53 15.15 19.95
CA LYS A 143 20.46 14.55 20.77
C LYS A 143 19.14 14.32 20.01
N ASN A 144 18.86 15.16 19.03
CA ASN A 144 17.68 14.96 18.16
C ASN A 144 17.87 13.93 17.07
N LYS A 145 19.06 13.32 17.00
CA LYS A 145 19.36 12.38 15.91
C LYS A 145 19.53 10.91 16.37
N ILE A 146 19.22 10.65 17.64
CA ILE A 146 19.31 9.29 18.16
C ILE A 146 18.23 8.98 19.16
N ILE A 147 17.59 7.83 18.94
CA ILE A 147 16.54 7.34 19.82
C ILE A 147 16.61 5.84 20.02
N GLY A 148 15.87 5.37 21.03
CA GLY A 148 15.84 3.97 21.35
C GLY A 148 14.45 3.39 21.17
N LEU A 149 14.38 2.17 20.64
CA LEU A 149 13.12 1.42 20.59
C LEU A 149 12.61 1.06 21.97
N GLY A 150 11.35 1.34 22.28
CA GLY A 150 10.74 0.75 23.45
C GLY A 150 9.23 0.89 23.33
N GLY A 151 8.74 2.12 23.50
CA GLY A 151 7.30 2.38 23.63
C GLY A 151 6.41 1.93 22.50
N VAL A 152 6.91 2.00 21.25
CA VAL A 152 6.09 1.64 20.11
C VAL A 152 5.75 0.14 20.21
N LEU A 153 6.76 -0.64 20.58
CA LEU A 153 6.63 -2.09 20.69
C LEU A 153 5.79 -2.46 21.93
N ASP A 154 6.12 -1.88 23.08
CA ASP A 154 5.39 -2.22 24.31
C ASP A 154 3.91 -1.86 24.24
N THR A 155 3.62 -0.69 23.65
CA THR A 155 2.21 -0.27 23.48
C THR A 155 1.49 -1.09 22.42
N SER A 156 2.20 -1.60 21.40
CA SER A 156 1.52 -2.51 20.43
C SER A 156 0.90 -3.73 21.13
N ARG A 157 1.58 -4.31 22.11
CA ARG A 157 1.05 -5.42 22.93
C ARG A 157 -0.21 -5.00 23.68
N LEU A 158 -0.13 -3.88 24.40
CA LEU A 158 -1.26 -3.39 25.17
C LEU A 158 -2.48 -3.06 24.28
N LYS A 159 -2.25 -2.27 23.24
CA LYS A 159 -3.27 -1.99 22.22
C LYS A 159 -3.91 -3.27 21.69
N TYR A 160 -3.07 -4.21 21.26
CA TYR A 160 -3.54 -5.46 20.68
C TYR A 160 -4.40 -6.25 21.65
N TYR A 161 -3.93 -6.49 22.87
CA TYR A 161 -4.72 -7.28 23.85
C TYR A 161 -6.05 -6.63 24.19
N ILE A 162 -6.04 -5.30 24.38
CA ILE A 162 -7.32 -4.59 24.70
C ILE A 162 -8.27 -4.71 23.49
N SER A 163 -7.75 -4.51 22.28
CA SER A 163 -8.57 -4.61 21.06
C SER A 163 -9.24 -5.96 20.85
N GLN A 164 -8.58 -7.03 21.26
CA GLN A 164 -9.19 -8.36 21.13
C GLN A 164 -10.29 -8.59 22.15
N LYS A 165 -10.15 -7.99 23.33
CA LYS A 165 -11.20 -8.12 24.33
C LYS A 165 -12.42 -7.28 23.92
N LEU A 166 -12.17 -6.08 23.39
CA LEU A 166 -13.25 -5.19 22.97
C LEU A 166 -13.81 -5.41 21.54
N ASN A 167 -13.15 -6.26 20.75
CA ASN A 167 -13.57 -6.58 19.37
CA ASN A 167 -13.56 -6.58 19.37
C ASN A 167 -13.53 -5.36 18.44
N VAL A 168 -12.40 -4.63 18.47
CA VAL A 168 -12.18 -3.46 17.62
C VAL A 168 -10.86 -3.61 16.90
N CYS A 169 -10.64 -2.80 15.87
CA CYS A 169 -9.38 -2.77 15.16
C CYS A 169 -8.24 -2.42 16.15
N PRO A 170 -7.13 -3.22 16.16
CA PRO A 170 -5.97 -2.99 17.07
C PRO A 170 -5.46 -1.56 17.11
N ARG A 171 -5.26 -0.96 15.93
CA ARG A 171 -4.81 0.43 15.87
C ARG A 171 -5.78 1.50 16.38
N ASP A 172 -7.05 1.14 16.57
CA ASP A 172 -8.02 2.07 17.19
C ASP A 172 -7.92 2.20 18.73
N VAL A 173 -7.09 1.37 19.34
CA VAL A 173 -6.74 1.54 20.75
C VAL A 173 -5.49 2.43 20.81
N ASN A 174 -5.52 3.48 21.62
CA ASN A 174 -4.33 4.25 21.91
C ASN A 174 -3.94 4.11 23.38
N ALA A 175 -2.64 4.10 23.61
CA ALA A 175 -2.09 3.83 24.91
C ALA A 175 -0.66 4.36 24.92
N LEU A 176 -0.24 4.74 26.11
CA LEU A 176 1.10 5.24 26.39
C LEU A 176 1.78 4.39 27.46
N ILE A 177 2.98 3.90 27.15
CA ILE A 177 3.82 3.19 28.14
C ILE A 177 5.14 3.91 28.10
N VAL A 178 5.61 4.38 29.26
CA VAL A 178 6.74 5.30 29.35
C VAL A 178 7.81 4.85 30.38
N GLY A 179 8.86 5.64 30.51
CA GLY A 179 9.84 5.48 31.58
C GLY A 179 11.02 4.69 31.07
N ALA A 180 10.82 3.37 30.93
CA ALA A 180 11.85 2.49 30.39
C ALA A 180 11.19 1.30 29.70
N HIS A 181 11.93 0.71 28.76
CA HIS A 181 11.57 -0.58 28.20
C HIS A 181 11.89 -1.59 29.29
N GLY A 182 11.12 -2.67 29.39
CA GLY A 182 11.47 -3.71 30.33
C GLY A 182 10.49 -3.80 31.46
N ASN A 183 10.87 -4.56 32.50
CA ASN A 183 9.94 -4.90 33.59
C ASN A 183 9.44 -3.70 34.40
N LYS A 184 10.17 -2.58 34.31
CA LYS A 184 9.83 -1.35 35.02
C LYS A 184 9.02 -0.38 34.17
N MET A 185 8.66 -0.79 32.95
CA MET A 185 7.83 0.04 32.04
C MET A 185 6.58 0.53 32.76
N VAL A 186 6.20 1.77 32.51
CA VAL A 186 5.05 2.38 33.23
C VAL A 186 3.81 2.42 32.32
N LEU A 187 2.79 1.64 32.69
CA LEU A 187 1.58 1.51 31.91
C LEU A 187 0.55 2.48 32.47
N LEU A 188 0.11 3.42 31.65
CA LEU A 188 -0.67 4.55 32.17
C LEU A 188 -2.14 4.31 31.90
N LYS A 189 -2.83 3.72 32.87
CA LYS A 189 -4.22 3.30 32.66
C LYS A 189 -5.10 4.50 32.21
N ARG A 190 -4.79 5.65 32.81
CA ARG A 190 -5.52 6.91 32.61
C ARG A 190 -5.49 7.42 31.16
N TYR A 191 -4.42 7.09 30.45
CA TYR A 191 -4.25 7.46 29.04
C TYR A 191 -4.64 6.36 28.04
N ILE A 192 -5.53 5.43 28.41
CA ILE A 192 -5.92 4.44 27.37
C ILE A 192 -7.23 4.89 26.71
N THR A 193 -7.25 4.94 25.38
CA THR A 193 -8.49 5.29 24.69
C THR A 193 -8.81 4.24 23.67
N VAL A 194 -10.10 4.14 23.30
CA VAL A 194 -10.54 3.19 22.29
C VAL A 194 -11.42 3.94 21.30
N GLY A 195 -10.94 4.10 20.06
CA GLY A 195 -11.66 4.93 19.08
C GLY A 195 -11.83 6.37 19.60
N GLY A 196 -10.85 6.81 20.38
CA GLY A 196 -10.83 8.17 20.95
C GLY A 196 -11.61 8.32 22.25
N ILE A 197 -12.19 7.23 22.73
CA ILE A 197 -13.10 7.22 23.90
C ILE A 197 -12.33 6.65 25.12
N PRO A 198 -12.36 7.34 26.29
CA PRO A 198 -11.63 6.86 27.49
C PRO A 198 -11.97 5.40 27.81
N LEU A 199 -10.97 4.59 28.14
CA LEU A 199 -11.17 3.19 28.54
C LEU A 199 -12.21 3.01 29.63
N GLN A 200 -12.26 3.95 30.57
CA GLN A 200 -13.21 3.88 31.68
C GLN A 200 -14.66 3.69 31.25
N GLU A 201 -15.06 4.28 30.11
CA GLU A 201 -16.44 4.17 29.62
C GLU A 201 -16.77 2.71 29.30
N PHE A 202 -15.81 1.98 28.74
CA PHE A 202 -15.98 0.54 28.44
C PHE A 202 -16.04 -0.33 29.69
N ILE A 203 -15.33 0.12 30.73
CA ILE A 203 -15.39 -0.51 32.06
C ILE A 203 -16.78 -0.28 32.70
N ASN A 204 -17.25 0.96 32.66
CA ASN A 204 -18.58 1.30 33.19
C ASN A 204 -19.69 0.52 32.47
N ASN A 205 -19.55 0.38 31.16
CA ASN A 205 -20.47 -0.43 30.35
C ASN A 205 -20.28 -1.92 30.46
N LYS A 206 -19.38 -2.37 31.33
CA LYS A 206 -19.14 -3.79 31.57
C LYS A 206 -18.70 -4.58 30.32
N LYS A 207 -18.01 -3.90 29.40
CA LYS A 207 -17.45 -4.53 28.23
C LYS A 207 -16.10 -5.16 28.56
N ILE A 208 -15.48 -4.68 29.63
CA ILE A 208 -14.19 -5.18 30.14
C ILE A 208 -14.18 -4.82 31.63
N THR A 209 -13.54 -5.63 32.47
CA THR A 209 -13.58 -5.36 33.92
C THR A 209 -12.23 -4.84 34.37
N ASP A 210 -12.19 -4.18 35.53
CA ASP A 210 -10.92 -3.74 36.14
C ASP A 210 -9.93 -4.89 36.29
N GLU A 211 -10.45 -6.06 36.65
CA GLU A 211 -9.62 -7.27 36.79
C GLU A 211 -8.99 -7.66 35.47
N GLU A 212 -9.79 -7.71 34.42
CA GLU A 212 -9.30 -8.05 33.08
C GLU A 212 -8.26 -7.08 32.57
N VAL A 213 -8.46 -5.79 32.86
CA VAL A 213 -7.46 -4.78 32.50
C VAL A 213 -6.15 -5.09 33.19
N GLU A 214 -6.19 -5.40 34.50
CA GLU A 214 -4.95 -5.72 35.24
C GLU A 214 -4.23 -6.96 34.72
N GLY A 215 -4.99 -8.00 34.35
CA GLY A 215 -4.43 -9.19 33.71
C GLY A 215 -3.78 -8.89 32.37
N ILE A 216 -4.40 -7.98 31.61
CA ILE A 216 -3.82 -7.49 30.36
C ILE A 216 -2.54 -6.66 30.56
N PHE A 217 -2.49 -5.84 31.61
CA PHE A 217 -1.25 -5.13 31.96
C PHE A 217 -0.13 -6.14 32.33
N ASP A 218 -0.46 -7.12 33.17
CA ASP A 218 0.50 -8.19 33.51
C ASP A 218 0.97 -8.96 32.29
N ARG A 219 0.05 -9.32 31.40
CA ARG A 219 0.44 -9.95 30.14
C ARG A 219 1.35 -9.08 29.26
N THR A 220 1.06 -7.78 29.19
CA THR A 220 1.94 -6.86 28.45
C THR A 220 3.39 -6.88 28.98
N VAL A 221 3.55 -6.75 30.29
CA VAL A 221 4.85 -6.89 30.98
C VAL A 221 5.54 -8.27 30.75
N ASN A 222 4.76 -9.36 30.83
CA ASN A 222 5.26 -10.75 30.66
C ASN A 222 5.42 -11.23 29.18
N THR A 223 5.09 -10.38 28.21
CA THR A 223 5.02 -10.82 26.80
C THR A 223 6.35 -11.33 26.28
N ALA A 224 7.43 -10.61 26.53
CA ALA A 224 8.72 -11.07 26.01
C ALA A 224 9.09 -12.45 26.61
N LEU A 225 8.94 -12.56 27.93
CA LEU A 225 9.11 -13.82 28.66
C LEU A 225 8.21 -14.95 28.14
N GLU A 226 6.92 -14.64 27.94
CA GLU A 226 5.97 -15.55 27.29
C GLU A 226 6.50 -16.10 25.94
N ILE A 227 6.97 -15.22 25.06
CA ILE A 227 7.44 -15.65 23.73
C ILE A 227 8.82 -16.32 23.80
N VAL A 228 9.71 -15.82 24.67
CA VAL A 228 11.01 -16.50 24.86
C VAL A 228 10.78 -17.95 25.34
N ASN A 229 9.80 -18.14 26.23
CA ASN A 229 9.53 -19.47 26.79
C ASN A 229 9.13 -20.45 25.66
N LEU A 230 8.32 -19.98 24.71
CA LEU A 230 7.80 -20.78 23.60
C LEU A 230 8.75 -20.91 22.38
N LEU A 231 9.62 -19.93 22.18
CA LEU A 231 10.30 -19.76 20.91
C LEU A 231 11.68 -19.14 21.10
N ALA A 232 11.72 -17.82 21.27
CA ALA A 232 12.94 -17.06 21.33
C ALA A 232 12.55 -15.60 21.58
N SER A 233 13.53 -14.74 21.81
CA SER A 233 13.33 -13.29 21.86
C SER A 233 12.47 -12.87 20.64
N PRO A 234 11.35 -12.13 20.86
CA PRO A 234 10.47 -11.69 19.76
C PRO A 234 11.24 -10.87 18.66
N TYR A 235 10.80 -10.95 17.42
CA TYR A 235 11.49 -10.24 16.32
C TYR A 235 10.60 -9.62 15.25
N VAL A 236 9.42 -10.20 14.99
CA VAL A 236 8.51 -9.64 13.97
C VAL A 236 7.93 -8.27 14.39
N ALA A 237 7.29 -8.25 15.54
CA ALA A 237 6.77 -6.99 16.07
C ALA A 237 7.85 -5.93 16.37
N PRO A 238 8.96 -6.30 17.04
CA PRO A 238 10.07 -5.35 17.13
C PRO A 238 10.53 -4.73 15.76
N ALA A 239 10.72 -5.53 14.72
CA ALA A 239 11.05 -5.00 13.39
C ALA A 239 9.98 -4.04 12.84
N ALA A 240 8.71 -4.42 12.96
CA ALA A 240 7.62 -3.57 12.49
C ALA A 240 7.65 -2.20 13.22
N ALA A 241 7.91 -2.23 14.53
CA ALA A 241 7.96 -1.00 15.32
C ALA A 241 9.10 -0.12 14.84
N ILE A 242 10.25 -0.73 14.59
CA ILE A 242 11.43 0.04 14.19
C ILE A 242 11.21 0.71 12.84
N ILE A 243 10.67 -0.05 11.89
CA ILE A 243 10.38 0.46 10.54
C ILE A 243 9.31 1.58 10.61
N GLU A 244 8.31 1.45 11.50
CA GLU A 244 7.38 2.56 11.65
C GLU A 244 8.12 3.84 12.09
N MET A 245 9.05 3.74 13.05
CA MET A 245 9.86 4.88 13.48
C MET A 245 10.75 5.43 12.34
N ALA A 246 11.43 4.51 11.62
CA ALA A 246 12.34 4.91 10.51
C ALA A 246 11.58 5.59 9.38
N GLU A 247 10.44 5.02 9.01
CA GLU A 247 9.59 5.64 8.00
C GLU A 247 9.08 7.05 8.38
N SER A 248 8.68 7.25 9.64
CA SER A 248 8.27 8.60 10.06
C SER A 248 9.36 9.64 9.79
N TYR A 249 10.64 9.25 9.98
CA TYR A 249 11.80 10.11 9.68
C TYR A 249 12.01 10.30 8.18
N LEU A 250 12.09 9.20 7.43
CA LEU A 250 12.41 9.23 6.01
C LEU A 250 11.36 9.97 5.15
N LYS A 251 10.09 9.90 5.57
CA LYS A 251 8.94 10.53 4.87
C LYS A 251 8.41 11.80 5.57
N ASP A 252 9.12 12.25 6.60
CA ASP A 252 8.76 13.47 7.36
C ASP A 252 7.27 13.39 7.77
N ILE A 253 6.87 12.29 8.38
CA ILE A 253 5.44 12.10 8.68
C ILE A 253 5.00 12.84 9.95
N LYS A 254 5.95 13.05 10.88
CA LYS A 254 5.63 13.69 12.19
C LYS A 254 4.63 12.90 13.03
N LYS A 255 4.75 11.57 13.01
CA LYS A 255 3.98 10.72 13.92
C LYS A 255 4.45 10.96 15.35
N VAL A 256 3.49 10.87 16.27
CA VAL A 256 3.78 10.93 17.72
C VAL A 256 4.05 9.47 18.12
N LEU A 257 5.26 9.19 18.57
CA LEU A 257 5.67 7.82 18.89
C LEU A 257 6.41 7.84 20.22
N VAL A 258 6.19 6.85 21.08
CA VAL A 258 6.91 6.80 22.38
C VAL A 258 8.23 6.09 22.18
N CYS A 259 9.33 6.80 22.41
CA CYS A 259 10.67 6.28 22.20
C CYS A 259 11.58 6.75 23.31
N SER A 260 12.75 6.13 23.40
CA SER A 260 13.74 6.55 24.42
C SER A 260 14.58 7.72 23.86
N THR A 261 14.61 8.82 24.59
CA THR A 261 15.24 10.05 24.14
C THR A 261 15.96 10.67 25.34
N LEU A 262 16.89 11.60 25.10
CA LEU A 262 17.63 12.20 26.19
C LEU A 262 16.71 13.13 26.98
N LEU A 263 16.61 12.91 28.29
CA LEU A 263 15.82 13.78 29.18
C LEU A 263 16.70 14.91 29.64
N GLU A 264 16.13 16.11 29.63
CA GLU A 264 16.81 17.35 29.99
C GLU A 264 15.95 18.14 30.99
N GLY A 265 15.37 17.45 31.97
CA GLY A 265 14.59 18.11 33.01
C GLY A 265 13.17 17.58 33.09
N GLN A 266 12.74 16.92 32.01
CA GLN A 266 11.39 16.34 31.96
C GLN A 266 11.21 15.28 33.01
N TYR A 267 10.03 15.30 33.65
CA TYR A 267 9.71 14.37 34.75
C TYR A 267 10.66 14.44 35.94
N GLY A 268 11.46 15.50 36.01
CA GLY A 268 12.46 15.69 37.07
C GLY A 268 13.82 15.02 36.85
N HIS A 269 14.09 14.58 35.62
CA HIS A 269 15.32 13.81 35.32
C HIS A 269 16.17 14.43 34.20
N SER A 270 17.49 14.30 34.34
CA SER A 270 18.47 14.74 33.36
C SER A 270 19.60 13.74 33.23
N ASN A 271 20.40 13.88 32.17
CA ASN A 271 21.62 13.09 31.97
C ASN A 271 21.32 11.60 31.82
N ILE A 272 20.16 11.31 31.26
CA ILE A 272 19.64 9.95 31.18
C ILE A 272 18.61 9.92 30.05
N PHE A 273 18.49 8.78 29.39
CA PHE A 273 17.44 8.57 28.38
C PHE A 273 16.24 7.85 29.01
N GLY A 274 15.05 8.22 28.57
CA GLY A 274 13.83 7.60 29.05
C GLY A 274 12.75 7.59 27.99
N GLY A 275 11.81 6.68 28.14
CA GLY A 275 10.69 6.55 27.21
C GLY A 275 9.68 7.67 27.38
N THR A 276 9.37 8.36 26.29
CA THR A 276 8.40 9.47 26.30
C THR A 276 7.81 9.69 24.91
N PRO A 277 6.55 10.18 24.82
CA PRO A 277 6.08 10.49 23.47
C PRO A 277 6.90 11.63 22.84
N LEU A 278 7.15 11.48 21.56
CA LEU A 278 8.00 12.41 20.86
C LEU A 278 7.54 12.49 19.40
N VAL A 279 8.00 13.49 18.67
CA VAL A 279 7.56 13.65 17.28
C VAL A 279 8.72 13.40 16.36
N ILE A 280 8.56 12.42 15.47
CA ILE A 280 9.62 12.11 14.53
C ILE A 280 9.30 12.72 13.14
N GLY A 281 10.15 13.68 12.73
CA GLY A 281 10.01 14.30 11.46
C GLY A 281 11.30 14.20 10.67
N GLY A 282 11.32 14.89 9.53
CA GLY A 282 12.43 14.79 8.59
C GLY A 282 13.74 15.29 9.14
N THR A 283 13.69 16.10 10.18
CA THR A 283 14.91 16.52 10.85
C THR A 283 15.30 15.66 12.05
N GLY A 284 14.47 14.70 12.40
CA GLY A 284 14.79 13.83 13.55
C GLY A 284 13.73 14.06 14.59
N VAL A 285 14.10 14.04 15.87
CA VAL A 285 13.20 14.32 16.95
C VAL A 285 12.83 15.80 16.88
N GLU A 286 11.60 16.10 16.48
CA GLU A 286 11.17 17.48 16.42
C GLU A 286 10.58 18.00 17.71
N GLN A 287 9.92 17.14 18.48
CA GLN A 287 9.36 17.57 19.78
C GLN A 287 9.50 16.44 20.76
N VAL A 288 9.75 16.78 22.02
CA VAL A 288 9.72 15.81 23.10
C VAL A 288 8.56 16.23 23.98
N ILE A 289 7.56 15.37 24.09
CA ILE A 289 6.35 15.74 24.83
C ILE A 289 6.43 15.21 26.25
N GLU A 290 6.34 16.11 27.21
CA GLU A 290 6.32 15.70 28.60
C GLU A 290 4.88 15.60 29.07
N LEU A 291 4.51 14.40 29.52
CA LEU A 291 3.19 14.13 30.02
C LEU A 291 3.01 14.73 31.41
N GLN A 292 1.79 15.19 31.66
CA GLN A 292 1.44 15.80 32.93
C GLN A 292 0.99 14.71 33.93
N LEU A 293 1.98 13.97 34.43
CA LEU A 293 1.74 12.83 35.33
C LEU A 293 1.34 13.28 36.70
N ASN A 294 0.50 12.48 37.37
CA ASN A 294 0.21 12.69 38.77
C ASN A 294 1.31 12.07 39.63
N ALA A 295 1.15 12.17 40.95
CA ALA A 295 2.15 11.74 41.91
C ALA A 295 2.47 10.24 41.83
N GLU A 296 1.43 9.40 41.79
CA GLU A 296 1.66 7.95 41.72
C GLU A 296 2.37 7.63 40.43
N GLU A 297 1.95 8.27 39.34
CA GLU A 297 2.53 8.04 38.01
C GLU A 297 4.01 8.47 37.97
N LYS A 298 4.33 9.63 38.56
CA LYS A 298 5.72 10.11 38.61
C LYS A 298 6.60 9.15 39.42
N THR A 299 6.07 8.58 40.50
CA THR A 299 6.89 7.65 41.28
C THR A 299 7.21 6.37 40.53
N LYS A 300 6.28 5.84 39.71
CA LYS A 300 6.61 4.70 38.85
C LYS A 300 7.62 5.11 37.78
N PHE A 301 7.49 6.33 37.28
CA PHE A 301 8.44 6.84 36.29
C PHE A 301 9.83 6.97 36.92
N ASP A 302 9.89 7.43 38.17
CA ASP A 302 11.16 7.47 38.90
C ASP A 302 11.80 6.10 39.10
N GLU A 303 11.00 5.10 39.40
CA GLU A 303 11.53 3.75 39.56
C GLU A 303 12.10 3.20 38.25
N ALA A 304 11.42 3.49 37.13
CA ALA A 304 11.89 3.06 35.82
C ALA A 304 13.26 3.67 35.53
N VAL A 305 13.40 4.97 35.77
CA VAL A 305 14.64 5.70 35.48
C VAL A 305 15.77 5.33 36.45
N ALA A 306 15.42 5.07 37.71
CA ALA A 306 16.42 4.59 38.69
C ALA A 306 17.08 3.27 38.24
N GLU A 307 16.29 2.35 37.68
CA GLU A 307 16.84 1.11 37.16
C GLU A 307 17.78 1.33 35.95
N THR A 308 17.41 2.25 35.05
CA THR A 308 18.31 2.63 33.92
C THR A 308 19.65 3.15 34.51
N LYS A 309 19.54 4.05 35.49
CA LYS A 309 20.70 4.65 36.17
C LYS A 309 21.59 3.61 36.86
N ARG A 310 20.94 2.61 37.48
CA ARG A 310 21.62 1.51 38.15
C ARG A 310 22.50 0.76 37.14
N MET A 311 21.91 0.30 36.03
CA MET A 311 22.63 -0.49 35.04
C MET A 311 23.73 0.32 34.38
N LYS A 312 23.44 1.58 34.14
CA LYS A 312 24.39 2.49 33.51
C LYS A 312 25.68 2.61 34.37
N ALA A 313 25.50 2.64 35.68
CA ALA A 313 26.59 2.71 36.65
C ALA A 313 27.47 1.46 36.77
N LEU A 314 27.09 0.37 36.10
CA LEU A 314 27.89 -0.84 36.05
C LEU A 314 28.87 -0.74 34.89
N ILE A 315 28.76 0.31 34.10
CA ILE A 315 29.69 0.54 33.00
C ILE A 315 30.81 1.47 33.46
N HIS A 316 32.05 1.05 33.23
CA HIS A 316 33.26 1.77 33.68
C HIS A 316 34.16 2.14 32.50
N THR B 1 -13.47 -12.05 -0.37
CA THR B 1 -14.46 -12.96 -1.02
C THR B 1 -15.04 -12.39 -2.30
N PRO B 2 -14.60 -12.87 -3.48
CA PRO B 2 -13.25 -12.85 -4.03
C PRO B 2 -13.16 -11.51 -4.78
N LYS B 3 -14.19 -11.19 -5.60
CA LYS B 3 -14.43 -9.81 -6.10
C LYS B 3 -15.77 -9.20 -5.62
N PRO B 4 -15.69 -8.39 -4.55
CA PRO B 4 -16.88 -7.66 -4.11
C PRO B 4 -17.44 -6.74 -5.25
N LYS B 5 -18.72 -6.42 -5.20
CA LYS B 5 -19.31 -5.50 -6.17
C LYS B 5 -19.83 -4.27 -5.44
N ILE B 6 -19.38 -3.09 -5.88
CA ILE B 6 -19.74 -1.85 -5.22
C ILE B 6 -20.58 -1.06 -6.23
N VAL B 7 -21.79 -0.68 -5.84
CA VAL B 7 -22.62 0.12 -6.74
C VAL B 7 -22.73 1.55 -6.20
N LEU B 8 -22.28 2.49 -7.03
CA LEU B 8 -22.36 3.92 -6.70
C LEU B 8 -23.65 4.49 -7.34
N VAL B 9 -24.65 4.72 -6.49
CA VAL B 9 -25.93 5.29 -6.94
C VAL B 9 -25.80 6.81 -6.90
N GLY B 10 -25.47 7.39 -8.05
CA GLY B 10 -25.05 8.79 -8.16
C GLY B 10 -23.61 8.78 -8.62
N SER B 11 -23.35 9.31 -9.83
CA SER B 11 -21.99 9.36 -10.39
C SER B 11 -21.52 10.78 -10.65
N GLY B 12 -21.78 11.68 -9.70
CA GLY B 12 -21.40 13.09 -9.79
C GLY B 12 -19.98 13.27 -9.27
N MET B 13 -19.73 14.38 -8.57
CA MET B 13 -18.37 14.73 -8.13
C MET B 13 -17.78 13.72 -7.14
N ILE B 14 -18.55 13.38 -6.11
CA ILE B 14 -18.13 12.40 -5.11
C ILE B 14 -17.98 10.98 -5.71
N GLY B 15 -18.93 10.60 -6.56
CA GLY B 15 -18.91 9.29 -7.25
C GLY B 15 -17.67 9.09 -8.07
N GLY B 16 -17.25 10.13 -8.80
CA GLY B 16 -16.03 10.05 -9.60
C GLY B 16 -14.78 9.79 -8.77
N VAL B 17 -14.63 10.52 -7.66
CA VAL B 17 -13.48 10.34 -6.78
C VAL B 17 -13.54 8.94 -6.10
N MET B 18 -14.71 8.52 -5.65
CA MET B 18 -14.90 7.18 -5.06
C MET B 18 -14.46 6.08 -6.03
N ALA B 19 -14.89 6.16 -7.29
CA ALA B 19 -14.49 5.13 -8.26
C ALA B 19 -12.97 5.12 -8.43
N THR B 20 -12.35 6.30 -8.50
CA THR B 20 -10.89 6.41 -8.57
C THR B 20 -10.17 5.66 -7.41
N LEU B 21 -10.62 5.93 -6.19
CA LEU B 21 -10.08 5.36 -4.96
C LEU B 21 -10.29 3.85 -4.81
N ILE B 22 -11.45 3.35 -5.24
CA ILE B 22 -11.70 1.90 -5.25
C ILE B 22 -10.71 1.19 -6.18
N VAL B 23 -10.48 1.75 -7.37
CA VAL B 23 -9.49 1.16 -8.25
C VAL B 23 -8.07 1.21 -7.63
N GLN B 24 -7.71 2.33 -7.02
CA GLN B 24 -6.39 2.49 -6.43
C GLN B 24 -6.15 1.43 -5.38
N LYS B 25 -7.19 1.13 -4.60
CA LYS B 25 -7.13 0.17 -3.51
C LYS B 25 -7.57 -1.24 -3.90
N ASN B 26 -7.90 -1.47 -5.16
CA ASN B 26 -8.33 -2.80 -5.67
C ASN B 26 -9.48 -3.42 -4.83
N LEU B 27 -10.44 -2.57 -4.44
CA LEU B 27 -11.46 -2.95 -3.48
C LEU B 27 -12.62 -3.76 -4.07
N GLY B 28 -12.95 -3.54 -5.35
CA GLY B 28 -14.03 -4.31 -5.95
C GLY B 28 -14.39 -3.82 -7.33
N ASP B 29 -15.22 -4.61 -8.01
CA ASP B 29 -15.81 -4.14 -9.25
C ASP B 29 -16.70 -2.93 -8.91
N VAL B 30 -16.75 -1.92 -9.80
CA VAL B 30 -17.51 -0.68 -9.55
C VAL B 30 -18.56 -0.47 -10.63
N VAL B 31 -19.79 -0.19 -10.21
CA VAL B 31 -20.86 0.26 -11.14
C VAL B 31 -21.11 1.72 -10.81
N MET B 32 -20.87 2.57 -11.81
CA MET B 32 -21.20 3.97 -11.70
C MET B 32 -22.60 4.17 -12.30
N PHE B 33 -23.58 4.33 -11.43
CA PHE B 33 -24.98 4.50 -11.86
C PHE B 33 -25.39 5.96 -11.76
N ASP B 34 -26.15 6.44 -12.74
CA ASP B 34 -26.74 7.78 -12.66
C ASP B 34 -27.99 7.82 -13.53
N VAL B 35 -28.89 8.75 -13.23
CA VAL B 35 -30.00 9.01 -14.15
C VAL B 35 -29.60 9.77 -15.41
N VAL B 36 -28.49 10.50 -15.35
CA VAL B 36 -27.95 11.20 -16.53
C VAL B 36 -27.37 10.18 -17.52
N LYS B 37 -27.86 10.20 -18.76
CA LYS B 37 -27.44 9.25 -19.78
C LYS B 37 -26.02 9.57 -20.28
N ASN B 38 -25.27 8.51 -20.60
CA ASN B 38 -23.91 8.56 -21.21
C ASN B 38 -22.77 9.01 -20.28
N MET B 39 -23.05 9.96 -19.41
CA MET B 39 -22.05 10.51 -18.50
C MET B 39 -21.33 9.47 -17.60
N PRO B 40 -22.09 8.62 -16.85
CA PRO B 40 -21.38 7.59 -16.06
C PRO B 40 -20.62 6.56 -16.92
N GLN B 41 -21.12 6.25 -18.12
CA GLN B 41 -20.39 5.39 -19.07
C GLN B 41 -19.04 6.03 -19.49
N GLY B 42 -19.05 7.35 -19.76
CA GLY B 42 -17.81 8.09 -20.03
C GLY B 42 -16.83 8.12 -18.87
N LYS B 43 -17.32 8.41 -17.67
CA LYS B 43 -16.48 8.42 -16.47
C LYS B 43 -15.91 7.02 -16.16
N ALA B 44 -16.71 6.00 -16.40
CA ALA B 44 -16.30 4.64 -16.11
C ALA B 44 -15.21 4.18 -17.09
N LEU B 45 -15.33 4.56 -18.37
CA LEU B 45 -14.31 4.28 -19.36
C LEU B 45 -12.95 4.90 -19.00
N ASP B 46 -12.95 6.20 -18.75
CA ASP B 46 -11.77 6.88 -18.26
C ASP B 46 -11.16 6.17 -17.03
N THR B 47 -12.00 5.90 -16.03
CA THR B 47 -11.52 5.32 -14.77
C THR B 47 -10.94 3.91 -14.95
N SER B 48 -11.56 3.08 -15.80
CA SER B 48 -11.12 1.70 -15.99
C SER B 48 -9.67 1.62 -16.45
N HIS B 49 -9.22 2.57 -17.30
CA HIS B 49 -7.83 2.56 -17.76
C HIS B 49 -6.83 2.64 -16.59
N SER B 50 -7.21 3.34 -15.51
CA SER B 50 -6.32 3.52 -14.36
C SER B 50 -5.93 2.19 -13.64
N ASN B 51 -6.68 1.11 -13.85
CA ASN B 51 -6.30 -0.23 -13.38
C ASN B 51 -4.86 -0.61 -13.74
N VAL B 52 -4.42 -0.24 -14.94
CA VAL B 52 -3.04 -0.46 -15.37
C VAL B 52 -2.03 0.20 -14.42
N MET B 53 -2.16 1.51 -14.21
CA MET B 53 -1.24 2.25 -13.33
C MET B 53 -1.30 1.75 -11.89
N ALA B 54 -2.46 1.29 -11.47
CA ALA B 54 -2.64 0.88 -10.04
C ALA B 54 -2.27 -0.59 -9.79
N TYR B 55 -1.99 -1.35 -10.84
CA TYR B 55 -1.86 -2.83 -10.78
C TYR B 55 -3.10 -3.46 -10.15
N SER B 56 -4.28 -3.01 -10.56
CA SER B 56 -5.54 -3.49 -9.98
C SER B 56 -6.26 -4.30 -11.04
N ASN B 57 -7.35 -4.95 -10.63
CA ASN B 57 -8.27 -5.53 -11.62
C ASN B 57 -9.71 -5.38 -11.09
N CYS B 58 -10.20 -4.15 -11.12
CA CYS B 58 -11.61 -3.85 -10.86
C CYS B 58 -12.30 -3.47 -12.16
N LYS B 59 -13.40 -4.13 -12.48
CA LYS B 59 -14.23 -3.72 -13.61
C LYS B 59 -14.89 -2.42 -13.19
N VAL B 60 -14.94 -1.43 -14.09
CA VAL B 60 -15.60 -0.17 -13.79
C VAL B 60 -16.53 0.03 -14.95
N THR B 61 -17.84 -0.02 -14.68
CA THR B 61 -18.84 0.14 -15.74
C THR B 61 -19.79 1.29 -15.39
N GLY B 62 -20.40 1.89 -16.41
CA GLY B 62 -21.36 2.97 -16.21
C GLY B 62 -22.75 2.45 -16.45
N SER B 63 -23.75 2.97 -15.76
CA SER B 63 -25.10 2.41 -15.90
C SER B 63 -26.21 3.43 -15.68
N ASN B 64 -27.30 3.28 -16.44
CA ASN B 64 -28.54 4.02 -16.25
C ASN B 64 -29.69 3.06 -15.92
N SER B 65 -29.35 1.81 -15.62
CA SER B 65 -30.34 0.80 -15.22
C SER B 65 -30.13 0.33 -13.78
N TYR B 66 -31.20 0.33 -12.99
CA TYR B 66 -31.13 -0.16 -11.61
C TYR B 66 -30.89 -1.67 -11.53
N ASP B 67 -31.04 -2.39 -12.65
CA ASP B 67 -30.71 -3.84 -12.70
C ASP B 67 -29.32 -4.14 -12.16
N ASP B 68 -28.39 -3.20 -12.33
CA ASP B 68 -27.02 -3.36 -11.86
C ASP B 68 -26.87 -3.51 -10.33
N LEU B 69 -27.92 -3.15 -9.57
CA LEU B 69 -27.97 -3.43 -8.12
C LEU B 69 -27.96 -4.90 -7.74
N LYS B 70 -28.44 -5.80 -8.59
CA LYS B 70 -28.40 -7.25 -8.28
C LYS B 70 -26.96 -7.69 -8.05
N GLY B 71 -26.72 -8.40 -6.94
CA GLY B 71 -25.36 -8.86 -6.62
C GLY B 71 -24.49 -7.82 -5.89
N ALA B 72 -25.01 -6.63 -5.63
CA ALA B 72 -24.22 -5.61 -4.95
C ALA B 72 -23.85 -6.04 -3.51
N ASP B 73 -22.56 -5.91 -3.17
CA ASP B 73 -22.11 -6.06 -1.78
C ASP B 73 -22.23 -4.77 -1.00
N VAL B 74 -21.91 -3.65 -1.65
CA VAL B 74 -22.01 -2.33 -1.03
C VAL B 74 -22.71 -1.39 -2.03
N VAL B 75 -23.61 -0.56 -1.52
CA VAL B 75 -24.32 0.43 -2.32
C VAL B 75 -24.06 1.78 -1.66
N ILE B 76 -23.50 2.72 -2.43
CA ILE B 76 -23.25 4.09 -1.90
C ILE B 76 -24.16 5.09 -2.62
N VAL B 77 -25.02 5.77 -1.85
CA VAL B 77 -26.06 6.67 -2.37
C VAL B 77 -25.63 8.13 -2.20
N THR B 78 -25.19 8.74 -3.30
CA THR B 78 -24.94 10.18 -3.40
C THR B 78 -25.99 10.86 -4.28
N ALA B 79 -26.88 10.07 -4.89
CA ALA B 79 -27.93 10.59 -5.79
C ALA B 79 -28.75 11.67 -5.07
N GLY B 80 -29.03 12.77 -5.76
CA GLY B 80 -29.95 13.76 -5.21
C GLY B 80 -29.81 15.15 -5.79
N PHE B 81 -30.75 16.02 -5.43
CA PHE B 81 -30.72 17.41 -5.86
C PHE B 81 -29.81 18.16 -4.92
N THR B 82 -29.13 19.16 -5.47
CA THR B 82 -28.27 20.05 -4.70
C THR B 82 -28.92 21.44 -4.60
N LYS B 83 -29.81 21.75 -5.55
CA LYS B 83 -30.58 22.99 -5.56
C LYS B 83 -31.94 22.63 -6.17
N ALA B 84 -32.97 23.40 -5.84
CA ALA B 84 -34.29 23.26 -6.48
C ALA B 84 -34.29 23.81 -7.91
N PRO B 85 -34.80 23.02 -8.88
CA PRO B 85 -35.03 23.52 -10.27
C PRO B 85 -35.74 24.89 -10.35
N GLY B 86 -35.16 25.81 -11.12
CA GLY B 86 -35.72 27.13 -11.36
C GLY B 86 -35.53 28.16 -10.25
N LYS B 87 -34.67 27.87 -9.28
CA LYS B 87 -34.37 28.83 -8.19
C LYS B 87 -32.95 29.41 -8.29
N SER B 88 -32.78 30.62 -7.75
CA SER B 88 -31.49 31.32 -7.73
C SER B 88 -30.80 31.04 -6.40
N ASP B 89 -29.49 31.30 -6.37
CA ASP B 89 -28.67 31.17 -5.16
C ASP B 89 -29.09 32.11 -4.03
N LYS B 90 -29.73 33.22 -4.37
CA LYS B 90 -30.20 34.17 -3.34
C LYS B 90 -31.42 33.63 -2.60
N GLU B 91 -32.15 32.74 -3.28
CA GLU B 91 -33.39 32.14 -2.77
C GLU B 91 -33.16 30.76 -2.13
N TRP B 92 -31.89 30.40 -1.94
CA TRP B 92 -31.51 29.14 -1.33
C TRP B 92 -32.20 28.94 0.02
N ASN B 93 -32.79 27.76 0.17
CA ASN B 93 -33.46 27.33 1.40
C ASN B 93 -33.29 25.84 1.45
N ARG B 94 -32.49 25.37 2.41
CA ARG B 94 -32.15 23.97 2.57
C ARG B 94 -33.36 23.04 2.72
N ASP B 95 -34.38 23.52 3.42
CA ASP B 95 -35.63 22.77 3.54
C ASP B 95 -36.30 22.47 2.19
N ASP B 96 -36.04 23.30 1.18
CA ASP B 96 -36.63 23.08 -0.16
C ASP B 96 -36.26 21.72 -0.78
N LEU B 97 -35.10 21.16 -0.41
CA LEU B 97 -34.61 19.87 -0.97
C LEU B 97 -35.24 18.62 -0.36
N LEU B 98 -35.88 18.76 0.79
CA LEU B 98 -36.47 17.64 1.50
C LEU B 98 -37.42 16.78 0.65
N PRO B 99 -38.52 17.37 0.12
CA PRO B 99 -39.45 16.57 -0.70
C PRO B 99 -38.86 16.09 -2.01
N LEU B 100 -37.92 16.85 -2.57
CA LEU B 100 -37.26 16.43 -3.81
C LEU B 100 -36.34 15.23 -3.62
N ASN B 101 -35.55 15.24 -2.54
CA ASN B 101 -34.65 14.10 -2.28
C ASN B 101 -35.37 12.93 -1.64
N ASN B 102 -36.49 13.20 -0.96
CA ASN B 102 -37.36 12.13 -0.47
C ASN B 102 -37.84 11.22 -1.60
N LYS B 103 -38.30 11.82 -2.70
CA LYS B 103 -38.77 11.07 -3.87
C LYS B 103 -37.69 10.15 -4.45
N ILE B 104 -36.46 10.64 -4.48
CA ILE B 104 -35.31 9.87 -4.94
C ILE B 104 -35.02 8.70 -4.01
N MET B 105 -35.11 8.92 -2.69
CA MET B 105 -34.89 7.80 -1.72
C MET B 105 -35.97 6.72 -1.85
N ILE B 106 -37.21 7.14 -2.09
CA ILE B 106 -38.32 6.22 -2.34
C ILE B 106 -38.02 5.37 -3.56
N GLU B 107 -37.62 6.01 -4.66
CA GLU B 107 -37.27 5.28 -5.87
C GLU B 107 -36.12 4.28 -5.64
N ILE B 108 -35.04 4.75 -5.02
CA ILE B 108 -33.86 3.90 -4.82
C ILE B 108 -34.20 2.74 -3.86
N GLY B 109 -34.97 3.07 -2.81
CA GLY B 109 -35.34 2.10 -1.76
C GLY B 109 -36.10 0.90 -2.30
N GLY B 110 -37.08 1.15 -3.15
CA GLY B 110 -37.82 0.08 -3.79
C GLY B 110 -36.93 -0.87 -4.59
N HIS B 111 -35.97 -0.34 -5.34
CA HIS B 111 -35.01 -1.21 -6.07
C HIS B 111 -34.06 -2.02 -5.17
N ILE B 112 -33.58 -1.40 -4.08
CA ILE B 112 -32.72 -2.11 -3.12
C ILE B 112 -33.46 -3.31 -2.48
N LYS B 113 -34.68 -3.08 -2.03
CA LYS B 113 -35.54 -4.12 -1.47
C LYS B 113 -35.68 -5.31 -2.41
N ASN B 114 -35.96 -5.04 -3.68
CA ASN B 114 -36.17 -6.08 -4.66
C ASN B 114 -34.90 -6.76 -5.15
N LEU B 115 -33.78 -6.03 -5.20
CA LEU B 115 -32.59 -6.53 -5.92
C LEU B 115 -31.35 -6.87 -5.09
N CYS B 116 -31.09 -6.12 -4.03
CA CYS B 116 -29.93 -6.39 -3.18
C CYS B 116 -30.27 -6.13 -1.71
N PRO B 117 -31.24 -6.91 -1.17
CA PRO B 117 -31.70 -6.65 0.20
C PRO B 117 -30.65 -6.96 1.27
N ASN B 118 -29.62 -7.72 0.91
CA ASN B 118 -28.54 -8.06 1.82
C ASN B 118 -27.28 -7.17 1.67
N ALA B 119 -27.37 -6.11 0.87
CA ALA B 119 -26.23 -5.19 0.72
C ALA B 119 -26.05 -4.29 1.94
N PHE B 120 -24.81 -3.88 2.15
CA PHE B 120 -24.50 -2.85 3.12
C PHE B 120 -24.66 -1.46 2.44
N ILE B 121 -25.47 -0.60 3.03
CA ILE B 121 -25.81 0.67 2.37
C ILE B 121 -25.22 1.86 3.12
N ILE B 122 -24.55 2.75 2.38
CA ILE B 122 -24.02 4.01 2.92
C ILE B 122 -24.69 5.17 2.21
N VAL B 123 -25.37 6.01 2.98
CA VAL B 123 -26.11 7.17 2.46
C VAL B 123 -25.32 8.46 2.67
N VAL B 124 -25.26 9.26 1.62
CA VAL B 124 -24.48 10.47 1.58
C VAL B 124 -25.40 11.70 1.32
N THR B 125 -26.42 11.53 0.48
CA THR B 125 -27.40 12.58 0.14
C THR B 125 -27.87 13.38 1.32
N ASN B 126 -27.80 14.72 1.21
CA ASN B 126 -28.19 15.64 2.29
C ASN B 126 -29.69 15.97 2.32
N PRO B 127 -30.23 16.31 3.52
CA PRO B 127 -29.65 16.21 4.87
C PRO B 127 -29.56 14.72 5.26
N VAL B 128 -28.33 14.27 5.47
CA VAL B 128 -28.03 12.86 5.48
C VAL B 128 -28.73 12.11 6.63
N ASP B 129 -28.89 12.76 7.78
CA ASP B 129 -29.45 12.10 8.96
C ASP B 129 -30.95 11.80 8.77
N VAL B 130 -31.62 12.69 8.04
CA VAL B 130 -32.98 12.47 7.50
C VAL B 130 -33.02 11.46 6.35
N MET B 131 -32.18 11.65 5.33
CA MET B 131 -32.22 10.79 4.12
C MET B 131 -31.89 9.33 4.38
N VAL B 132 -30.91 9.09 5.25
CA VAL B 132 -30.55 7.72 5.62
C VAL B 132 -31.75 6.96 6.24
N GLN B 133 -32.50 7.64 7.11
CA GLN B 133 -33.68 7.05 7.71
C GLN B 133 -34.78 6.81 6.69
N LEU B 134 -34.96 7.73 5.74
CA LEU B 134 -35.94 7.50 4.66
C LEU B 134 -35.56 6.27 3.86
N LEU B 135 -34.28 6.12 3.53
CA LEU B 135 -33.86 4.97 2.75
C LEU B 135 -33.99 3.67 3.57
N PHE B 136 -33.62 3.71 4.85
CA PHE B 136 -33.90 2.62 5.78
C PHE B 136 -35.34 2.12 5.66
N GLU B 137 -36.29 3.05 5.86
CA GLU B 137 -37.73 2.74 5.81
C GLU B 137 -38.21 2.20 4.47
N HIS B 138 -37.80 2.81 3.38
CA HIS B 138 -38.25 2.36 2.04
C HIS B 138 -37.56 1.12 1.50
N SER B 139 -36.35 0.86 1.97
CA SER B 139 -35.58 -0.28 1.52
C SER B 139 -35.85 -1.53 2.33
N GLY B 140 -36.28 -1.36 3.56
CA GLY B 140 -36.51 -2.49 4.44
C GLY B 140 -35.26 -3.24 4.91
N VAL B 141 -34.06 -2.67 4.72
CA VAL B 141 -32.81 -3.37 5.14
C VAL B 141 -32.67 -3.33 6.69
N PRO B 142 -31.94 -4.31 7.28
CA PRO B 142 -31.82 -4.34 8.74
C PRO B 142 -31.04 -3.11 9.22
N LYS B 143 -31.30 -2.68 10.45
CA LYS B 143 -30.63 -1.51 11.01
C LYS B 143 -29.12 -1.58 11.07
N ASN B 144 -28.55 -2.79 11.13
CA ASN B 144 -27.09 -2.93 11.16
C ASN B 144 -26.46 -2.86 9.77
N LYS B 145 -27.29 -2.66 8.74
CA LYS B 145 -26.81 -2.70 7.35
C LYS B 145 -26.94 -1.39 6.57
N ILE B 146 -27.22 -0.29 7.27
CA ILE B 146 -27.35 1.01 6.64
C ILE B 146 -26.85 2.14 7.55
N ILE B 147 -25.95 2.96 7.03
CA ILE B 147 -25.42 4.10 7.79
C ILE B 147 -25.33 5.37 6.91
N GLY B 148 -25.26 6.52 7.55
CA GLY B 148 -25.05 7.77 6.84
C GLY B 148 -23.65 8.32 7.09
N LEU B 149 -23.08 8.94 6.06
CA LEU B 149 -21.85 9.72 6.21
C LEU B 149 -22.09 10.98 7.07
N GLY B 150 -21.22 11.21 8.04
CA GLY B 150 -21.16 12.50 8.70
C GLY B 150 -19.84 12.62 9.46
N GLY B 151 -19.77 11.94 10.61
CA GLY B 151 -18.65 12.09 11.55
C GLY B 151 -17.25 11.80 11.02
N VAL B 152 -17.08 10.82 10.13
CA VAL B 152 -15.76 10.58 9.56
C VAL B 152 -15.24 11.83 8.80
N LEU B 153 -16.13 12.48 8.04
CA LEU B 153 -15.78 13.67 7.27
C LEU B 153 -15.58 14.89 8.17
N ASP B 154 -16.54 15.15 9.05
CA ASP B 154 -16.50 16.29 9.96
C ASP B 154 -15.28 16.25 10.88
N THR B 155 -14.98 15.09 11.47
CA THR B 155 -13.80 14.96 12.34
C THR B 155 -12.46 15.06 11.57
N SER B 156 -12.42 14.63 10.29
CA SER B 156 -11.21 14.85 9.46
C SER B 156 -10.78 16.33 9.40
N ARG B 157 -11.74 17.25 9.33
CA ARG B 157 -11.44 18.66 9.32
C ARG B 157 -10.87 19.11 10.66
N LEU B 158 -11.57 18.75 11.75
CA LEU B 158 -11.10 19.10 13.11
C LEU B 158 -9.71 18.52 13.37
N LYS B 159 -9.53 17.24 13.04
CA LYS B 159 -8.22 16.56 13.20
C LYS B 159 -7.12 17.29 12.42
N TYR B 160 -7.40 17.58 11.14
CA TYR B 160 -6.44 18.26 10.28
C TYR B 160 -6.06 19.63 10.81
N TYR B 161 -7.05 20.48 11.18
CA TYR B 161 -6.73 21.81 11.64
C TYR B 161 -5.91 21.82 12.92
N ILE B 162 -6.24 20.93 13.86
CA ILE B 162 -5.47 20.83 15.11
C ILE B 162 -4.04 20.35 14.84
N SER B 163 -3.90 19.36 13.95
CA SER B 163 -2.60 18.80 13.64
C SER B 163 -1.68 19.85 13.02
N GLN B 164 -2.24 20.77 12.24
CA GLN B 164 -1.43 21.83 11.63
C GLN B 164 -0.98 22.88 12.64
N LYS B 165 -1.81 23.18 13.64
CA LYS B 165 -1.35 24.07 14.71
C LYS B 165 -0.28 23.40 15.59
N LEU B 166 -0.40 22.09 15.82
CA LEU B 166 0.50 21.37 16.75
C LEU B 166 1.71 20.76 16.05
N ASN B 167 1.73 20.78 14.71
CA ASN B 167 2.84 20.24 13.91
C ASN B 167 3.03 18.73 14.10
N VAL B 168 1.93 17.99 13.99
CA VAL B 168 1.94 16.54 14.07
C VAL B 168 1.23 15.91 12.86
N CYS B 169 1.36 14.58 12.71
CA CYS B 169 0.66 13.84 11.68
C CYS B 169 -0.86 14.02 11.87
N PRO B 170 -1.61 14.42 10.80
CA PRO B 170 -3.07 14.59 10.92
C PRO B 170 -3.81 13.43 11.60
N ARG B 171 -3.49 12.20 11.24
CA ARG B 171 -4.18 11.05 11.84
C ARG B 171 -3.83 10.75 13.32
N ASP B 172 -2.75 11.34 13.84
CA ASP B 172 -2.45 11.21 15.29
C ASP B 172 -3.33 12.07 16.23
N VAL B 173 -4.16 12.94 15.65
CA VAL B 173 -5.20 13.65 16.41
C VAL B 173 -6.45 12.79 16.37
N ASN B 174 -7.06 12.54 17.53
CA ASN B 174 -8.35 11.86 17.58
C ASN B 174 -9.43 12.80 18.14
N ALA B 175 -10.64 12.71 17.59
CA ALA B 175 -11.70 13.65 17.97
C ALA B 175 -13.01 13.00 17.63
N LEU B 176 -14.05 13.40 18.34
CA LEU B 176 -15.38 12.86 18.07
C LEU B 176 -16.33 14.04 17.81
N ILE B 177 -17.05 14.00 16.68
CA ILE B 177 -18.14 14.97 16.41
C ILE B 177 -19.40 14.14 16.21
N VAL B 178 -20.41 14.41 17.03
CA VAL B 178 -21.59 13.54 17.12
C VAL B 178 -22.93 14.27 16.89
N GLY B 179 -24.05 13.54 16.91
CA GLY B 179 -25.39 14.13 16.92
C GLY B 179 -26.00 14.22 15.53
N ALA B 180 -25.47 15.14 14.71
CA ALA B 180 -25.92 15.31 13.33
C ALA B 180 -24.82 15.91 12.47
N HIS B 181 -24.88 15.63 11.17
CA HIS B 181 -24.05 16.28 10.17
C HIS B 181 -24.68 17.65 9.84
N GLY B 182 -23.86 18.70 9.79
CA GLY B 182 -24.37 20.04 9.54
C GLY B 182 -24.05 21.02 10.66
N ASN B 183 -24.69 22.19 10.64
CA ASN B 183 -24.37 23.29 11.59
C ASN B 183 -24.60 23.02 13.08
N LYS B 184 -25.36 21.99 13.41
CA LYS B 184 -25.61 21.63 14.82
C LYS B 184 -24.80 20.40 15.29
N MET B 185 -23.80 20.00 14.49
CA MET B 185 -22.82 18.98 14.88
C MET B 185 -22.24 19.25 16.27
N VAL B 186 -22.06 18.18 17.05
CA VAL B 186 -21.62 18.38 18.44
C VAL B 186 -20.12 18.11 18.46
N LEU B 187 -19.33 19.17 18.67
CA LEU B 187 -17.86 19.07 18.66
C LEU B 187 -17.46 18.86 20.09
N LEU B 188 -16.95 17.67 20.43
CA LEU B 188 -16.69 17.33 21.86
C LEU B 188 -15.24 17.61 22.31
N LYS B 189 -15.03 18.81 22.85
CA LYS B 189 -13.69 19.27 23.20
C LYS B 189 -12.99 18.28 24.14
N ARG B 190 -13.76 17.77 25.11
CA ARG B 190 -13.31 16.85 26.15
C ARG B 190 -12.65 15.58 25.61
N TYR B 191 -13.11 15.15 24.45
CA TYR B 191 -12.67 13.90 23.86
C TYR B 191 -11.50 14.06 22.89
N ILE B 192 -10.95 15.27 22.74
CA ILE B 192 -9.87 15.41 21.75
C ILE B 192 -8.53 14.95 22.34
N THR B 193 -7.80 14.13 21.58
CA THR B 193 -6.47 13.70 21.99
C THR B 193 -5.46 13.88 20.86
N VAL B 194 -4.19 13.98 21.20
CA VAL B 194 -3.10 14.14 20.22
C VAL B 194 -2.05 13.13 20.63
N GLY B 195 -1.72 12.21 19.73
CA GLY B 195 -0.93 11.01 20.09
C GLY B 195 -1.40 10.24 21.33
N GLY B 196 -2.71 10.21 21.58
CA GLY B 196 -3.29 9.55 22.79
C GLY B 196 -3.30 10.43 24.04
N ILE B 197 -2.79 11.66 23.90
CA ILE B 197 -2.65 12.62 25.01
C ILE B 197 -3.80 13.66 25.01
N PRO B 198 -4.45 13.91 26.17
CA PRO B 198 -5.57 14.85 26.17
C PRO B 198 -5.15 16.19 25.60
N LEU B 199 -6.00 16.78 24.77
CA LEU B 199 -5.74 18.12 24.21
C LEU B 199 -5.42 19.18 25.27
N GLN B 200 -6.08 19.08 26.42
CA GLN B 200 -5.82 19.98 27.55
C GLN B 200 -4.33 20.11 27.99
N GLU B 201 -3.54 19.05 27.82
CA GLU B 201 -2.12 19.10 28.19
C GLU B 201 -1.38 20.11 27.31
N PHE B 202 -1.77 20.17 26.04
CA PHE B 202 -1.19 21.07 25.04
C PHE B 202 -1.62 22.51 25.28
N ILE B 203 -2.87 22.69 25.67
CA ILE B 203 -3.37 23.98 26.15
C ILE B 203 -2.58 24.49 27.38
N ASN B 204 -2.49 23.64 28.41
CA ASN B 204 -1.74 23.95 29.63
C ASN B 204 -0.28 24.34 29.36
N ASN B 205 0.31 23.72 28.34
CA ASN B 205 1.71 23.98 27.88
C ASN B 205 1.82 25.14 26.88
N LYS B 206 0.68 25.75 26.57
CA LYS B 206 0.57 26.89 25.65
C LYS B 206 1.02 26.59 24.22
N LYS B 207 0.82 25.36 23.77
CA LYS B 207 1.10 25.02 22.38
C LYS B 207 -0.11 25.46 21.52
N ILE B 208 -1.23 25.68 22.18
CA ILE B 208 -2.49 26.09 21.57
C ILE B 208 -3.32 26.72 22.69
N THR B 209 -4.05 27.79 22.36
CA THR B 209 -4.89 28.46 23.35
C THR B 209 -6.34 28.02 23.21
N ASP B 210 -7.13 28.29 24.25
CA ASP B 210 -8.55 27.97 24.22
C ASP B 210 -9.27 28.71 23.09
N GLU B 211 -8.89 29.98 22.88
CA GLU B 211 -9.41 30.81 21.76
C GLU B 211 -9.08 30.18 20.40
N GLU B 212 -7.84 29.74 20.21
CA GLU B 212 -7.43 29.02 19.00
C GLU B 212 -8.29 27.78 18.72
N VAL B 213 -8.56 27.01 19.78
CA VAL B 213 -9.42 25.82 19.70
C VAL B 213 -10.85 26.21 19.26
N GLU B 214 -11.39 27.28 19.86
CA GLU B 214 -12.69 27.84 19.45
C GLU B 214 -12.78 28.26 17.98
N GLY B 215 -11.73 28.93 17.48
CA GLY B 215 -11.67 29.32 16.09
C GLY B 215 -11.55 28.12 15.16
N ILE B 216 -10.84 27.08 15.60
CA ILE B 216 -10.79 25.78 14.92
C ILE B 216 -12.18 25.12 14.87
N PHE B 217 -12.91 25.17 15.98
CA PHE B 217 -14.28 24.66 16.01
C PHE B 217 -15.18 25.37 15.00
N ASP B 218 -15.17 26.71 15.03
CA ASP B 218 -15.88 27.53 14.04
C ASP B 218 -15.48 27.17 12.61
N ARG B 219 -14.17 27.04 12.35
CA ARG B 219 -13.71 26.67 11.02
C ARG B 219 -14.24 25.31 10.61
N THR B 220 -14.20 24.35 11.55
CA THR B 220 -14.71 22.99 11.30
C THR B 220 -16.19 23.04 10.91
N VAL B 221 -17.00 23.74 11.69
CA VAL B 221 -18.45 23.78 11.37
C VAL B 221 -18.70 24.39 9.99
N ASN B 222 -17.91 25.40 9.65
CA ASN B 222 -18.11 26.18 8.43
C ASN B 222 -17.29 25.83 7.20
N THR B 223 -16.62 24.69 7.23
CA THR B 223 -15.73 24.28 6.14
C THR B 223 -16.38 24.14 4.75
N ALA B 224 -17.55 23.50 4.71
CA ALA B 224 -18.26 23.33 3.43
C ALA B 224 -18.58 24.68 2.77
N LEU B 225 -19.01 25.65 3.58
CA LEU B 225 -19.30 27.00 3.14
C LEU B 225 -18.04 27.76 2.68
N GLU B 226 -16.96 27.66 3.45
CA GLU B 226 -15.63 28.13 3.03
C GLU B 226 -15.24 27.61 1.64
N ILE B 227 -15.38 26.30 1.44
CA ILE B 227 -15.02 25.68 0.16
C ILE B 227 -15.98 26.17 -0.93
N VAL B 228 -17.27 26.25 -0.63
CA VAL B 228 -18.27 26.73 -1.60
C VAL B 228 -17.97 28.17 -1.99
N ASN B 229 -17.67 29.02 -1.00
CA ASN B 229 -17.28 30.39 -1.27
C ASN B 229 -16.08 30.55 -2.21
N LEU B 230 -15.18 29.56 -2.21
CA LEU B 230 -14.06 29.53 -3.16
C LEU B 230 -14.38 28.74 -4.43
N LEU B 231 -15.16 27.65 -4.29
CA LEU B 231 -15.57 26.74 -5.40
C LEU B 231 -15.76 25.28 -4.95
N ALA B 232 -16.98 24.97 -4.50
CA ALA B 232 -17.40 23.65 -4.08
C ALA B 232 -18.91 23.60 -4.34
N SER B 233 -19.66 22.58 -3.89
CA SER B 233 -19.54 21.76 -2.67
C SER B 233 -18.42 20.69 -2.66
N PRO B 234 -17.78 20.44 -1.46
CA PRO B 234 -16.59 19.55 -1.27
C PRO B 234 -16.80 18.12 -1.77
N TYR B 235 -15.77 17.51 -2.34
CA TYR B 235 -15.91 16.12 -2.84
C TYR B 235 -14.76 15.14 -2.64
N VAL B 236 -13.51 15.61 -2.56
CA VAL B 236 -12.35 14.71 -2.33
C VAL B 236 -12.36 14.07 -0.95
N ALA B 237 -12.39 14.89 0.11
CA ALA B 237 -12.46 14.37 1.46
C ALA B 237 -13.76 13.57 1.72
N PRO B 238 -14.95 14.07 1.30
CA PRO B 238 -16.13 13.17 1.40
C PRO B 238 -15.92 11.78 0.78
N ALA B 239 -15.37 11.73 -0.44
CA ALA B 239 -15.15 10.44 -1.09
C ALA B 239 -14.20 9.58 -0.27
N ALA B 240 -13.12 10.16 0.24
CA ALA B 240 -12.15 9.36 1.02
C ALA B 240 -12.78 8.81 2.32
N ALA B 241 -13.66 9.61 2.95
CA ALA B 241 -14.31 9.23 4.20
C ALA B 241 -15.24 8.02 3.98
N ILE B 242 -15.99 8.06 2.88
CA ILE B 242 -16.90 6.97 2.49
C ILE B 242 -16.13 5.68 2.18
N ILE B 243 -15.07 5.78 1.41
CA ILE B 243 -14.23 4.61 1.11
C ILE B 243 -13.63 4.02 2.40
N GLU B 244 -13.22 4.87 3.35
CA GLU B 244 -12.73 4.33 4.62
C GLU B 244 -13.83 3.50 5.31
N MET B 245 -15.08 4.01 5.31
CA MET B 245 -16.22 3.26 5.88
C MET B 245 -16.51 1.94 5.15
N ALA B 246 -16.52 1.96 3.80
CA ALA B 246 -16.83 0.81 2.96
C ALA B 246 -15.73 -0.25 3.08
N GLU B 247 -14.50 0.20 3.15
CA GLU B 247 -13.37 -0.72 3.28
C GLU B 247 -13.39 -1.44 4.65
N SER B 248 -13.76 -0.73 5.71
CA SER B 248 -13.85 -1.37 7.03
C SER B 248 -14.85 -2.55 7.01
N TYR B 249 -15.94 -2.39 6.26
CA TYR B 249 -16.91 -3.48 6.02
C TYR B 249 -16.31 -4.57 5.11
N LEU B 250 -15.82 -4.19 3.94
CA LEU B 250 -15.35 -5.19 2.95
C LEU B 250 -14.20 -6.03 3.45
N LYS B 251 -13.36 -5.44 4.31
CA LYS B 251 -12.22 -6.18 4.89
C LYS B 251 -12.37 -6.60 6.36
N ASP B 252 -13.56 -6.39 6.95
CA ASP B 252 -13.82 -6.75 8.34
C ASP B 252 -12.71 -6.18 9.25
N ILE B 253 -12.48 -4.89 9.13
CA ILE B 253 -11.41 -4.29 9.91
C ILE B 253 -11.88 -3.96 11.36
N LYS B 254 -13.17 -3.71 11.53
CA LYS B 254 -13.74 -3.32 12.84
C LYS B 254 -13.19 -1.99 13.38
N LYS B 255 -13.00 -1.04 12.47
CA LYS B 255 -12.64 0.34 12.83
C LYS B 255 -13.80 1.00 13.58
N VAL B 256 -13.44 1.88 14.51
CA VAL B 256 -14.40 2.70 15.20
C VAL B 256 -14.52 3.99 14.39
N LEU B 257 -15.73 4.25 13.88
CA LEU B 257 -15.97 5.36 12.95
C LEU B 257 -17.29 6.00 13.36
N VAL B 258 -17.35 7.33 13.41
CA VAL B 258 -18.60 8.01 13.81
C VAL B 258 -19.48 8.11 12.55
N CYS B 259 -20.65 7.48 12.58
CA CYS B 259 -21.57 7.48 11.46
C CYS B 259 -22.99 7.62 11.98
N SER B 260 -23.89 7.93 11.08
CA SER B 260 -25.27 8.15 11.44
C SER B 260 -25.96 6.79 11.44
N THR B 261 -26.67 6.50 12.51
CA THR B 261 -27.18 5.16 12.75
C THR B 261 -28.47 5.24 13.53
N LEU B 262 -29.32 4.22 13.43
CA LEU B 262 -30.57 4.24 14.17
C LEU B 262 -30.34 4.26 15.68
N LEU B 263 -30.97 5.22 16.35
CA LEU B 263 -30.94 5.33 17.82
C LEU B 263 -32.14 4.61 18.36
N GLU B 264 -31.89 3.73 19.32
CA GLU B 264 -32.94 2.94 19.94
C GLU B 264 -32.92 3.17 21.45
N GLY B 265 -32.92 4.43 21.86
CA GLY B 265 -32.79 4.71 23.26
C GLY B 265 -31.48 5.37 23.64
N GLN B 266 -30.41 5.18 22.86
CA GLN B 266 -29.13 5.86 23.14
C GLN B 266 -29.32 7.37 23.22
N TYR B 267 -28.73 7.98 24.25
CA TYR B 267 -28.81 9.44 24.46
C TYR B 267 -30.22 9.94 24.78
N GLY B 268 -31.12 9.03 25.14
CA GLY B 268 -32.52 9.38 25.44
C GLY B 268 -33.37 9.61 24.19
N HIS B 269 -32.93 9.07 23.05
CA HIS B 269 -33.58 9.32 21.76
C HIS B 269 -33.91 8.04 21.00
N SER B 270 -35.08 8.00 20.37
CA SER B 270 -35.52 6.83 19.62
C SER B 270 -36.16 7.23 18.28
N ASN B 271 -36.33 6.26 17.36
CA ASN B 271 -37.06 6.52 16.11
C ASN B 271 -36.39 7.58 15.22
N ILE B 272 -35.07 7.68 15.31
CA ILE B 272 -34.31 8.73 14.64
C ILE B 272 -32.87 8.24 14.41
N PHE B 273 -32.21 8.75 13.37
CA PHE B 273 -30.80 8.46 13.13
C PHE B 273 -29.98 9.64 13.62
N GLY B 274 -28.83 9.33 14.22
CA GLY B 274 -27.92 10.37 14.69
C GLY B 274 -26.49 9.86 14.66
N GLY B 275 -25.54 10.78 14.56
CA GLY B 275 -24.12 10.45 14.57
C GLY B 275 -23.61 10.01 15.92
N THR B 276 -22.96 8.86 15.93
CA THR B 276 -22.33 8.31 17.14
C THR B 276 -21.21 7.34 16.72
N PRO B 277 -20.19 7.13 17.58
CA PRO B 277 -19.19 6.10 17.23
C PRO B 277 -19.78 4.70 17.18
N LEU B 278 -19.23 3.91 16.27
CA LEU B 278 -19.76 2.61 16.03
C LEU B 278 -18.67 1.76 15.39
N VAL B 279 -18.82 0.45 15.46
CA VAL B 279 -17.85 -0.46 14.88
C VAL B 279 -18.39 -1.08 13.58
N ILE B 280 -17.64 -0.92 12.51
CA ILE B 280 -17.96 -1.53 11.21
C ILE B 280 -17.06 -2.74 10.94
N GLY B 281 -17.68 -3.91 10.90
CA GLY B 281 -16.97 -5.10 10.52
C GLY B 281 -17.69 -5.79 9.39
N GLY B 282 -17.29 -7.03 9.13
CA GLY B 282 -17.81 -7.80 7.97
C GLY B 282 -19.30 -8.09 7.98
N THR B 283 -19.95 -8.01 9.14
CA THR B 283 -21.40 -8.22 9.19
C THR B 283 -22.17 -6.90 9.15
N GLY B 284 -21.45 -5.79 9.18
CA GLY B 284 -22.07 -4.46 9.13
C GLY B 284 -21.77 -3.74 10.42
N VAL B 285 -22.78 -3.07 11.01
CA VAL B 285 -22.60 -2.36 12.27
C VAL B 285 -22.59 -3.42 13.38
N GLU B 286 -21.41 -3.67 13.94
CA GLU B 286 -21.26 -4.68 14.99
C GLU B 286 -21.53 -4.14 16.39
N GLN B 287 -21.27 -2.85 16.62
CA GLN B 287 -21.53 -2.25 17.93
C GLN B 287 -21.88 -0.80 17.70
N VAL B 288 -22.83 -0.30 18.46
CA VAL B 288 -23.11 1.11 18.52
C VAL B 288 -22.64 1.59 19.88
N ILE B 289 -21.72 2.55 19.88
CA ILE B 289 -21.15 2.97 21.14
C ILE B 289 -21.86 4.23 21.59
N GLU B 290 -22.47 4.16 22.76
CA GLU B 290 -23.09 5.32 23.39
C GLU B 290 -22.05 5.97 24.30
N LEU B 291 -21.64 7.20 23.96
CA LEU B 291 -20.74 7.98 24.80
C LEU B 291 -21.39 8.45 26.10
N GLN B 292 -20.59 8.58 27.14
CA GLN B 292 -21.08 8.99 28.45
C GLN B 292 -20.93 10.50 28.54
N LEU B 293 -21.86 11.16 27.88
CA LEU B 293 -21.89 12.59 27.80
C LEU B 293 -22.36 13.12 29.13
N ASN B 294 -21.78 14.26 29.51
CA ASN B 294 -22.24 14.98 30.70
C ASN B 294 -23.49 15.76 30.30
N ALA B 295 -24.08 16.49 31.25
CA ALA B 295 -25.33 17.20 31.00
C ALA B 295 -25.26 18.24 29.86
N GLU B 296 -24.20 19.04 29.82
CA GLU B 296 -24.07 20.09 28.79
C GLU B 296 -23.87 19.52 27.39
N GLU B 297 -23.05 18.48 27.28
CA GLU B 297 -22.86 17.78 26.02
C GLU B 297 -24.18 17.15 25.58
N LYS B 298 -24.90 16.54 26.52
CA LYS B 298 -26.21 15.91 26.23
C LYS B 298 -27.20 16.90 25.59
N THR B 299 -27.29 18.13 26.10
CA THR B 299 -28.23 19.11 25.54
C THR B 299 -27.82 19.54 24.12
N LYS B 300 -26.52 19.57 23.81
CA LYS B 300 -26.07 19.84 22.45
C LYS B 300 -26.50 18.74 21.46
N PHE B 301 -26.42 17.49 21.92
CA PHE B 301 -26.90 16.32 21.16
C PHE B 301 -28.42 16.44 20.94
N ASP B 302 -29.14 16.79 22.01
CA ASP B 302 -30.59 16.99 21.93
C ASP B 302 -30.95 18.04 20.88
N GLU B 303 -30.27 19.19 20.93
CA GLU B 303 -30.42 20.23 19.91
C GLU B 303 -30.11 19.72 18.48
N ALA B 304 -29.12 18.84 18.30
CA ALA B 304 -28.85 18.29 16.95
C ALA B 304 -29.96 17.35 16.49
N VAL B 305 -30.40 16.47 17.39
CA VAL B 305 -31.46 15.53 17.01
C VAL B 305 -32.79 16.27 16.82
N ALA B 306 -33.03 17.32 17.61
CA ALA B 306 -34.23 18.17 17.42
C ALA B 306 -34.36 18.69 15.97
N GLU B 307 -33.23 19.11 15.39
CA GLU B 307 -33.18 19.63 14.01
C GLU B 307 -33.41 18.53 12.93
N THR B 308 -32.80 17.36 13.10
CA THR B 308 -33.13 16.16 12.29
C THR B 308 -34.64 15.86 12.35
N LYS B 309 -35.21 15.93 13.56
CA LYS B 309 -36.63 15.67 13.76
C LYS B 309 -37.52 16.75 13.10
N ARG B 310 -37.14 18.03 13.27
CA ARG B 310 -37.77 19.12 12.56
C ARG B 310 -37.87 18.85 11.04
N MET B 311 -36.74 18.56 10.41
CA MET B 311 -36.71 18.29 8.97
C MET B 311 -37.46 17.03 8.54
N LYS B 312 -37.37 15.99 9.37
CA LYS B 312 -38.12 14.78 9.11
C LYS B 312 -39.64 15.06 9.16
N ALA B 313 -40.06 15.92 10.09
CA ALA B 313 -41.47 16.33 10.25
C ALA B 313 -42.01 17.03 9.00
N LEU B 314 -41.15 17.78 8.33
CA LEU B 314 -41.51 18.44 7.07
C LEU B 314 -42.06 17.47 6.01
N ILE B 315 -41.55 16.24 5.98
CA ILE B 315 -41.95 15.26 4.95
C ILE B 315 -43.40 14.79 5.09
N THR C 1 -14.85 -9.68 4.86
CA THR C 1 -16.34 -9.85 4.90
C THR C 1 -16.76 -11.19 4.27
N PRO C 2 -16.74 -12.27 5.05
CA PRO C 2 -16.15 -12.28 6.38
C PRO C 2 -14.73 -12.89 6.40
N LYS C 3 -13.73 -12.14 5.93
CA LYS C 3 -12.28 -12.39 6.25
C LYS C 3 -11.86 -13.84 5.91
N PRO C 4 -11.03 -14.04 4.85
CA PRO C 4 -10.50 -15.36 4.51
C PRO C 4 -9.73 -16.00 5.68
N LYS C 5 -9.79 -17.34 5.75
CA LYS C 5 -8.98 -18.13 6.67
C LYS C 5 -7.86 -18.82 5.89
N ILE C 6 -6.62 -18.51 6.29
CA ILE C 6 -5.43 -19.02 5.63
C ILE C 6 -4.68 -19.89 6.65
N VAL C 7 -4.48 -21.14 6.29
CA VAL C 7 -3.72 -22.07 7.12
C VAL C 7 -2.38 -22.40 6.49
N LEU C 8 -1.34 -22.13 7.27
CA LEU C 8 0.04 -22.45 6.93
C LEU C 8 0.35 -23.78 7.59
N VAL C 9 0.43 -24.83 6.78
CA VAL C 9 0.75 -26.19 7.23
C VAL C 9 2.27 -26.28 7.17
N GLY C 10 2.91 -25.95 8.29
CA GLY C 10 4.34 -25.78 8.36
C GLY C 10 4.63 -24.34 8.74
N SER C 11 5.21 -24.14 9.92
CA SER C 11 5.48 -22.80 10.38
C SER C 11 6.97 -22.62 10.63
N GLY C 12 7.79 -23.08 9.71
CA GLY C 12 9.22 -22.81 9.78
C GLY C 12 9.62 -21.46 9.20
N MET C 13 10.77 -21.41 8.55
CA MET C 13 11.34 -20.16 8.04
C MET C 13 10.39 -19.50 7.04
N ILE C 14 9.93 -20.27 6.06
CA ILE C 14 9.00 -19.76 5.07
C ILE C 14 7.67 -19.38 5.70
N GLY C 15 7.08 -20.30 6.46
CA GLY C 15 5.88 -20.03 7.26
C GLY C 15 5.90 -18.71 8.04
N GLY C 16 6.97 -18.43 8.76
CA GLY C 16 7.11 -17.16 9.52
C GLY C 16 7.01 -15.88 8.69
N VAL C 17 7.74 -15.83 7.55
CA VAL C 17 7.68 -14.69 6.64
C VAL C 17 6.28 -14.57 5.99
N MET C 18 5.66 -15.70 5.63
CA MET C 18 4.31 -15.62 5.06
C MET C 18 3.32 -15.00 6.04
N ALA C 19 3.32 -15.44 7.31
CA ALA C 19 2.43 -14.84 8.33
C ALA C 19 2.67 -13.34 8.45
N THR C 20 3.95 -12.97 8.46
CA THR C 20 4.35 -11.55 8.52
C THR C 20 3.74 -10.76 7.34
N LEU C 21 3.87 -11.28 6.11
CA LEU C 21 3.38 -10.60 4.91
C LEU C 21 1.84 -10.58 4.84
N ILE C 22 1.18 -11.63 5.32
CA ILE C 22 -0.25 -11.67 5.35
C ILE C 22 -0.81 -10.54 6.23
N VAL C 23 -0.17 -10.33 7.39
CA VAL C 23 -0.59 -9.26 8.29
C VAL C 23 -0.39 -7.85 7.63
N GLN C 24 0.78 -7.65 7.01
CA GLN C 24 1.15 -6.39 6.35
C GLN C 24 0.11 -6.01 5.29
N LYS C 25 -0.37 -7.01 4.56
CA LYS C 25 -1.33 -6.84 3.48
C LYS C 25 -2.80 -7.00 3.93
N ASN C 26 -3.02 -7.21 5.25
CA ASN C 26 -4.34 -7.45 5.78
C ASN C 26 -5.14 -8.51 4.98
N LEU C 27 -4.52 -9.66 4.69
CA LEU C 27 -5.13 -10.60 3.73
C LEU C 27 -6.13 -11.60 4.27
N GLY C 28 -6.05 -11.95 5.56
CA GLY C 28 -6.93 -12.95 6.17
C GLY C 28 -6.44 -13.33 7.56
N ASP C 29 -7.29 -14.01 8.33
CA ASP C 29 -6.89 -14.69 9.57
C ASP C 29 -5.91 -15.80 9.21
N VAL C 30 -4.90 -15.98 10.05
CA VAL C 30 -3.81 -16.96 9.82
C VAL C 30 -3.75 -18.00 10.91
N VAL C 31 -3.72 -19.28 10.55
CA VAL C 31 -3.40 -20.31 11.50
C VAL C 31 -2.00 -20.80 11.14
N MET C 32 -1.08 -20.72 12.09
CA MET C 32 0.27 -21.21 11.90
C MET C 32 0.26 -22.59 12.54
N PHE C 33 0.25 -23.62 11.69
CA PHE C 33 0.27 -25.02 12.12
C PHE C 33 1.64 -25.65 11.96
N ASP C 34 2.04 -26.39 12.98
CA ASP C 34 3.27 -27.18 12.91
C ASP C 34 3.18 -28.39 13.84
N VAL C 35 3.98 -29.41 13.56
CA VAL C 35 4.05 -30.57 14.45
C VAL C 35 4.96 -30.28 15.65
N VAL C 36 5.83 -29.28 15.50
CA VAL C 36 6.75 -28.83 16.56
C VAL C 36 5.93 -28.05 17.64
N LYS C 37 5.99 -28.51 18.89
CA LYS C 37 5.23 -27.93 19.99
C LYS C 37 5.75 -26.55 20.34
N ASN C 38 4.84 -25.65 20.73
CA ASN C 38 5.20 -24.29 21.18
C ASN C 38 5.72 -23.32 20.13
N MET C 39 6.57 -23.76 19.21
CA MET C 39 7.10 -22.85 18.16
C MET C 39 6.04 -22.01 17.38
N PRO C 40 5.01 -22.66 16.77
CA PRO C 40 3.98 -21.86 16.07
C PRO C 40 3.24 -20.87 16.96
N GLN C 41 2.93 -21.28 18.20
CA GLN C 41 2.24 -20.41 19.14
C GLN C 41 3.06 -19.16 19.43
N GLY C 42 4.36 -19.34 19.67
CA GLY C 42 5.26 -18.19 19.90
C GLY C 42 5.39 -17.25 18.71
N LYS C 43 5.62 -17.81 17.52
CA LYS C 43 5.67 -16.97 16.30
C LYS C 43 4.32 -16.27 16.05
N ALA C 44 3.20 -16.97 16.28
CA ALA C 44 1.88 -16.36 16.06
C ALA C 44 1.64 -15.19 17.01
N LEU C 45 2.04 -15.32 18.27
CA LEU C 45 1.87 -14.22 19.25
C LEU C 45 2.69 -12.96 18.87
N ASP C 46 3.98 -13.15 18.60
CA ASP C 46 4.87 -12.09 18.11
C ASP C 46 4.24 -11.42 16.87
N THR C 47 3.90 -12.20 15.85
CA THR C 47 3.31 -11.67 14.64
C THR C 47 1.98 -10.93 14.85
N SER C 48 1.14 -11.42 15.75
CA SER C 48 -0.17 -10.81 15.98
C SER C 48 -0.03 -9.33 16.44
N HIS C 49 1.02 -8.99 17.20
CA HIS C 49 1.24 -7.59 17.64
C HIS C 49 1.51 -6.59 16.52
N SER C 50 2.09 -7.08 15.43
CA SER C 50 2.42 -6.27 14.26
C SER C 50 1.15 -5.76 13.52
N ASN C 51 -0.01 -6.33 13.80
CA ASN C 51 -1.30 -5.78 13.33
C ASN C 51 -1.44 -4.26 13.64
N VAL C 52 -0.97 -3.85 14.83
CA VAL C 52 -1.01 -2.44 15.26
C VAL C 52 -0.20 -1.58 14.28
N MET C 53 1.07 -1.92 14.08
CA MET C 53 1.93 -1.17 13.14
C MET C 53 1.38 -1.16 11.70
N ALA C 54 0.75 -2.25 11.26
CA ALA C 54 0.32 -2.36 9.85
C ALA C 54 -1.07 -1.74 9.59
N TYR C 55 -1.76 -1.34 10.66
CA TYR C 55 -3.16 -0.93 10.64
C TYR C 55 -4.04 -2.06 10.06
N SER C 56 -3.75 -3.28 10.50
CA SER C 56 -4.46 -4.48 9.99
C SER C 56 -5.32 -5.04 11.09
N ASN C 57 -6.14 -6.04 10.72
CA ASN C 57 -6.90 -6.80 11.73
C ASN C 57 -7.04 -8.26 11.27
N CYS C 58 -5.91 -8.99 11.35
CA CYS C 58 -5.81 -10.41 11.06
C CYS C 58 -5.51 -11.13 12.36
N LYS C 59 -6.36 -12.07 12.74
CA LYS C 59 -6.06 -12.96 13.88
C LYS C 59 -4.90 -13.85 13.45
N VAL C 60 -3.88 -14.01 14.31
CA VAL C 60 -2.78 -14.94 14.02
C VAL C 60 -2.66 -15.89 15.21
N THR C 61 -2.94 -17.17 14.98
CA THR C 61 -2.93 -18.19 16.05
C THR C 61 -2.00 -19.36 15.69
N GLY C 62 -1.42 -19.98 16.70
CA GLY C 62 -0.55 -21.11 16.50
C GLY C 62 -1.27 -22.40 16.86
N SER C 63 -0.95 -23.48 16.14
CA SER C 63 -1.63 -24.75 16.39
C SER C 63 -0.75 -25.98 16.16
N ASN C 64 -0.99 -27.01 16.96
CA ASN C 64 -0.41 -28.33 16.74
C ASN C 64 -1.51 -29.33 16.42
N SER C 65 -2.70 -28.84 16.07
CA SER C 65 -3.80 -29.71 15.72
C SER C 65 -4.33 -29.51 14.29
N TYR C 66 -4.50 -30.62 13.58
CA TYR C 66 -5.02 -30.61 12.20
C TYR C 66 -6.46 -30.18 12.11
N ASP C 67 -7.19 -30.29 13.21
CA ASP C 67 -8.57 -29.81 13.31
C ASP C 67 -8.73 -28.34 12.91
N ASP C 68 -7.67 -27.56 13.11
CA ASP C 68 -7.71 -26.13 12.78
C ASP C 68 -7.68 -25.87 11.24
N LEU C 69 -7.61 -26.94 10.42
CA LEU C 69 -7.81 -26.82 8.97
C LEU C 69 -9.28 -26.53 8.59
N LYS C 70 -10.21 -26.84 9.50
CA LYS C 70 -11.64 -26.62 9.26
C LYS C 70 -11.96 -25.23 8.72
N GLY C 71 -12.60 -25.19 7.56
CA GLY C 71 -13.08 -23.93 7.02
C GLY C 71 -12.04 -23.09 6.31
N ALA C 72 -10.81 -23.62 6.14
CA ALA C 72 -9.73 -22.89 5.47
C ALA C 72 -10.14 -22.52 4.04
N ASP C 73 -9.81 -21.28 3.64
CA ASP C 73 -10.02 -20.82 2.26
C ASP C 73 -8.76 -21.07 1.41
N VAL C 74 -7.61 -20.90 2.04
CA VAL C 74 -6.32 -21.14 1.40
C VAL C 74 -5.50 -21.99 2.35
N VAL C 75 -4.85 -23.03 1.80
CA VAL C 75 -3.95 -23.85 2.60
C VAL C 75 -2.57 -23.80 1.94
N ILE C 76 -1.57 -23.40 2.71
CA ILE C 76 -0.21 -23.41 2.15
C ILE C 76 0.66 -24.46 2.84
N VAL C 77 1.23 -25.38 2.05
CA VAL C 77 1.98 -26.52 2.60
C VAL C 77 3.49 -26.37 2.38
N THR C 78 4.21 -26.07 3.48
CA THR C 78 5.67 -26.04 3.52
C THR C 78 6.23 -27.15 4.42
N ALA C 79 5.33 -27.96 5.00
CA ALA C 79 5.68 -29.09 5.84
C ALA C 79 6.60 -30.08 5.14
N GLY C 80 7.66 -30.48 5.83
CA GLY C 80 8.58 -31.52 5.36
C GLY C 80 9.56 -31.94 6.44
N PHE C 81 10.21 -33.08 6.25
CA PHE C 81 11.20 -33.60 7.20
C PHE C 81 12.45 -32.71 7.12
N THR C 82 13.18 -32.56 8.22
CA THR C 82 12.98 -33.35 9.42
C THR C 82 14.12 -34.37 9.49
N LYS C 83 15.11 -34.10 10.33
CA LYS C 83 16.25 -34.99 10.47
C LYS C 83 16.35 -35.59 11.87
N ALA C 84 17.05 -36.72 11.97
CA ALA C 84 17.19 -37.43 13.24
C ALA C 84 18.65 -37.62 13.64
N PRO C 85 18.88 -38.29 14.77
CA PRO C 85 20.22 -38.60 15.27
C PRO C 85 21.00 -39.49 14.31
N GLY C 86 22.31 -39.30 14.24
CA GLY C 86 23.15 -40.09 13.35
C GLY C 86 24.62 -39.71 13.43
N LYS C 87 25.14 -39.14 12.35
CA LYS C 87 24.35 -38.89 11.16
C LYS C 87 24.17 -37.39 10.88
N SER C 88 24.99 -36.57 11.51
CA SER C 88 24.98 -35.13 11.29
C SER C 88 26.34 -34.62 10.80
N ASP C 89 26.47 -33.31 10.68
CA ASP C 89 25.38 -32.38 10.97
C ASP C 89 24.97 -31.69 9.67
N LYS C 90 24.52 -32.49 8.71
CA LYS C 90 24.17 -32.00 7.39
C LYS C 90 23.54 -33.16 6.62
N GLU C 91 23.80 -34.36 7.11
CA GLU C 91 23.24 -35.59 6.53
C GLU C 91 21.73 -35.45 6.41
N TRP C 92 21.27 -35.19 5.19
CA TRP C 92 19.85 -34.93 4.94
C TRP C 92 19.51 -35.35 3.52
N ASN C 93 20.02 -34.61 2.54
CA ASN C 93 19.83 -34.97 1.14
C ASN C 93 18.46 -34.54 0.63
N ARG C 94 17.80 -35.44 -0.08
CA ARG C 94 16.42 -35.26 -0.48
C ARG C 94 15.95 -36.48 -1.27
N ASP C 95 16.90 -37.29 -1.72
CA ASP C 95 16.57 -38.52 -2.43
C ASP C 95 15.93 -39.52 -1.47
N ASP C 96 16.53 -39.66 -0.29
CA ASP C 96 16.01 -40.53 0.76
C ASP C 96 14.81 -39.91 1.48
N LEU C 97 14.67 -38.59 1.35
CA LEU C 97 13.59 -37.85 1.99
C LEU C 97 12.25 -38.04 1.28
N LEU C 98 12.30 -38.51 0.03
CA LEU C 98 11.11 -38.76 -0.79
C LEU C 98 9.98 -39.65 -0.23
N PRO C 99 10.31 -40.88 0.26
CA PRO C 99 9.29 -41.66 0.99
C PRO C 99 8.78 -40.98 2.27
N LEU C 100 9.65 -40.25 2.96
CA LEU C 100 9.30 -39.57 4.21
C LEU C 100 8.35 -38.37 4.01
N ASN C 101 8.59 -37.59 2.95
CA ASN C 101 7.72 -36.45 2.62
C ASN C 101 6.42 -36.92 1.93
N ASN C 102 6.50 -38.03 1.18
CA ASN C 102 5.32 -38.74 0.69
C ASN C 102 4.33 -39.03 1.83
N LYS C 103 4.86 -39.49 2.96
CA LYS C 103 4.04 -39.87 4.12
C LYS C 103 3.37 -38.67 4.79
N ILE C 104 4.10 -37.56 4.80
CA ILE C 104 3.57 -36.26 5.20
C ILE C 104 2.41 -35.78 4.29
N MET C 105 2.59 -35.86 2.97
CA MET C 105 1.52 -35.48 2.03
C MET C 105 0.28 -36.36 2.12
N ILE C 106 0.46 -37.64 2.41
CA ILE C 106 -0.69 -38.54 2.66
C ILE C 106 -1.49 -38.07 3.89
N GLU C 107 -0.80 -37.89 5.02
CA GLU C 107 -1.43 -37.42 6.27
C GLU C 107 -2.17 -36.08 6.12
N ILE C 108 -1.54 -35.10 5.48
CA ILE C 108 -2.12 -33.78 5.25
C ILE C 108 -3.32 -33.90 4.32
N GLY C 109 -3.18 -34.71 3.25
CA GLY C 109 -4.23 -34.90 2.23
C GLY C 109 -5.56 -35.43 2.79
N GLY C 110 -5.46 -36.48 3.60
CA GLY C 110 -6.60 -37.04 4.32
C GLY C 110 -7.31 -36.03 5.21
N HIS C 111 -6.55 -35.16 5.88
CA HIS C 111 -7.15 -34.07 6.66
C HIS C 111 -7.82 -32.98 5.83
N ILE C 112 -7.20 -32.58 4.72
CA ILE C 112 -7.80 -31.58 3.81
C ILE C 112 -9.14 -32.07 3.26
N LYS C 113 -9.17 -33.33 2.82
CA LYS C 113 -10.38 -33.99 2.37
C LYS C 113 -11.54 -33.90 3.39
N ASN C 114 -11.24 -34.20 4.65
CA ASN C 114 -12.31 -34.19 5.65
C ASN C 114 -12.69 -32.82 6.22
N LEU C 115 -11.75 -31.88 6.22
CA LEU C 115 -11.93 -30.61 6.90
C LEU C 115 -12.06 -29.39 5.99
N CYS C 116 -11.37 -29.39 4.85
CA CYS C 116 -11.44 -28.19 4.00
C CYS C 116 -11.33 -28.54 2.50
N PRO C 117 -12.26 -29.39 2.00
CA PRO C 117 -12.13 -29.89 0.62
C PRO C 117 -12.31 -28.79 -0.44
N ASN C 118 -12.89 -27.64 -0.05
CA ASN C 118 -13.03 -26.51 -0.97
C ASN C 118 -11.90 -25.48 -0.89
N ALA C 119 -10.81 -25.81 -0.21
CA ALA C 119 -9.71 -24.87 -0.08
C ALA C 119 -8.94 -24.77 -1.39
N PHE C 120 -8.30 -23.64 -1.60
CA PHE C 120 -7.28 -23.53 -2.61
C PHE C 120 -5.93 -23.91 -1.99
N ILE C 121 -5.18 -24.80 -2.64
CA ILE C 121 -3.98 -25.36 -2.03
C ILE C 121 -2.72 -24.94 -2.79
N ILE C 122 -1.72 -24.48 -2.06
CA ILE C 122 -0.43 -24.19 -2.65
C ILE C 122 0.61 -25.05 -1.93
N VAL C 123 1.33 -25.84 -2.70
CA VAL C 123 2.35 -26.76 -2.18
C VAL C 123 3.74 -26.19 -2.47
N VAL C 124 4.61 -26.26 -1.48
CA VAL C 124 5.95 -25.68 -1.54
C VAL C 124 6.98 -26.79 -1.32
N THR C 125 6.67 -27.71 -0.40
CA THR C 125 7.57 -28.84 -0.05
C THR C 125 8.33 -29.40 -1.27
N ASN C 126 9.66 -29.49 -1.17
CA ASN C 126 10.48 -30.07 -2.27
C ASN C 126 10.57 -31.62 -2.32
N PRO C 127 10.77 -32.23 -3.52
CA PRO C 127 10.70 -31.61 -4.84
C PRO C 127 9.23 -31.38 -5.17
N VAL C 128 8.92 -30.13 -5.47
CA VAL C 128 7.56 -29.62 -5.45
C VAL C 128 6.69 -30.23 -6.55
N ASP C 129 7.28 -30.45 -7.73
CA ASP C 129 6.54 -30.98 -8.90
C ASP C 129 6.07 -32.41 -8.62
N VAL C 130 6.86 -33.16 -7.85
CA VAL C 130 6.44 -34.45 -7.25
C VAL C 130 5.39 -34.29 -6.12
N MET C 131 5.72 -33.50 -5.09
CA MET C 131 4.88 -33.38 -3.89
C MET C 131 3.48 -32.79 -4.14
N VAL C 132 3.38 -31.84 -5.06
CA VAL C 132 2.06 -31.25 -5.36
C VAL C 132 1.13 -32.34 -5.92
N GLN C 133 1.63 -33.21 -6.81
CA GLN C 133 0.83 -34.27 -7.38
C GLN C 133 0.41 -35.30 -6.33
N LEU C 134 1.31 -35.57 -5.38
CA LEU C 134 0.99 -36.45 -4.26
C LEU C 134 -0.14 -35.89 -3.41
N LEU C 135 -0.08 -34.59 -3.10
CA LEU C 135 -1.18 -33.93 -2.36
C LEU C 135 -2.50 -33.87 -3.12
N PHE C 136 -2.43 -33.56 -4.41
CA PHE C 136 -3.60 -33.61 -5.29
C PHE C 136 -4.27 -34.98 -5.15
N GLU C 137 -3.49 -36.04 -5.30
CA GLU C 137 -3.99 -37.43 -5.24
C GLU C 137 -4.62 -37.86 -3.91
N HIS C 138 -4.08 -37.39 -2.79
CA HIS C 138 -4.57 -37.82 -1.48
C HIS C 138 -5.57 -36.87 -0.82
N SER C 139 -5.62 -35.64 -1.28
CA SER C 139 -6.60 -34.66 -0.81
C SER C 139 -7.94 -34.72 -1.55
N GLY C 140 -7.93 -35.16 -2.81
CA GLY C 140 -9.15 -35.22 -3.65
C GLY C 140 -9.61 -33.91 -4.29
N VAL C 141 -8.86 -32.82 -4.08
CA VAL C 141 -9.26 -31.50 -4.59
C VAL C 141 -9.24 -31.48 -6.12
N PRO C 142 -10.05 -30.59 -6.73
CA PRO C 142 -10.09 -30.56 -8.21
C PRO C 142 -8.78 -29.97 -8.76
N LYS C 143 -8.43 -30.34 -10.00
CA LYS C 143 -7.17 -29.91 -10.62
C LYS C 143 -6.93 -28.39 -10.64
N ASN C 144 -8.02 -27.61 -10.70
CA ASN C 144 -7.93 -26.15 -10.69
C ASN C 144 -7.79 -25.55 -9.30
N LYS C 145 -7.75 -26.38 -8.25
CA LYS C 145 -7.64 -25.86 -6.86
C LYS C 145 -6.30 -26.17 -6.15
N ILE C 146 -5.32 -26.67 -6.90
CA ILE C 146 -4.01 -26.99 -6.33
C ILE C 146 -2.88 -26.71 -7.32
N ILE C 147 -1.91 -25.93 -6.86
CA ILE C 147 -0.71 -25.62 -7.64
C ILE C 147 0.54 -25.71 -6.74
N GLY C 148 1.70 -25.86 -7.36
CA GLY C 148 3.01 -25.84 -6.65
C GLY C 148 3.77 -24.54 -6.91
N LEU C 149 4.52 -24.07 -5.91
CA LEU C 149 5.46 -22.97 -6.10
C LEU C 149 6.64 -23.39 -6.97
N GLY C 150 6.95 -22.60 -8.00
CA GLY C 150 8.18 -22.80 -8.74
C GLY C 150 8.57 -21.56 -9.53
N GLY C 151 7.94 -21.39 -10.70
CA GLY C 151 8.28 -20.32 -11.66
C GLY C 151 8.29 -18.89 -11.15
N VAL C 152 7.37 -18.53 -10.27
CA VAL C 152 7.31 -17.17 -9.77
C VAL C 152 8.64 -16.84 -9.05
N LEU C 153 9.12 -17.79 -8.24
CA LEU C 153 10.38 -17.65 -7.50
C LEU C 153 11.62 -17.74 -8.39
N ASP C 154 11.67 -18.74 -9.28
CA ASP C 154 12.78 -18.91 -10.20
C ASP C 154 12.96 -17.72 -11.12
N THR C 155 11.85 -17.22 -11.69
CA THR C 155 11.89 -16.07 -12.60
C THR C 155 12.24 -14.79 -11.86
N SER C 156 11.84 -14.66 -10.58
CA SER C 156 12.23 -13.50 -9.78
C SER C 156 13.74 -13.28 -9.79
N ARG C 157 14.50 -14.36 -9.60
CA ARG C 157 15.97 -14.36 -9.66
C ARG C 157 16.47 -13.88 -11.01
N LEU C 158 15.93 -14.45 -12.09
CA LEU C 158 16.36 -14.11 -13.47
C LEU C 158 16.04 -12.65 -13.78
N LYS C 159 14.80 -12.25 -13.51
CA LYS C 159 14.37 -10.86 -13.63
C LYS C 159 15.27 -9.92 -12.83
N TYR C 160 15.52 -10.27 -11.56
CA TYR C 160 16.39 -9.45 -10.72
C TYR C 160 17.82 -9.23 -11.28
N TYR C 161 18.51 -10.32 -11.62
CA TYR C 161 19.90 -10.23 -12.10
C TYR C 161 20.02 -9.44 -13.43
N ILE C 162 19.05 -9.63 -14.34
CA ILE C 162 19.01 -8.86 -15.59
C ILE C 162 18.80 -7.35 -15.33
N SER C 163 17.84 -7.02 -14.47
CA SER C 163 17.52 -5.63 -14.14
C SER C 163 18.72 -4.88 -13.56
N GLN C 164 19.55 -5.56 -12.78
CA GLN C 164 20.72 -4.90 -12.19
C GLN C 164 21.81 -4.62 -13.22
N LYS C 165 21.94 -5.50 -14.21
CA LYS C 165 22.87 -5.28 -15.33
C LYS C 165 22.41 -4.16 -16.24
N LEU C 166 21.10 -4.12 -16.56
CA LEU C 166 20.54 -3.11 -17.42
C LEU C 166 20.11 -1.83 -16.70
N ASN C 167 20.18 -1.83 -15.36
CA ASN C 167 19.85 -0.65 -14.54
C ASN C 167 18.40 -0.18 -14.72
N VAL C 168 17.46 -1.12 -14.58
CA VAL C 168 16.04 -0.83 -14.67
C VAL C 168 15.35 -1.47 -13.44
N CYS C 169 14.11 -1.07 -13.19
CA CYS C 169 13.29 -1.66 -12.14
C CYS C 169 13.20 -3.20 -12.31
N PRO C 170 13.47 -3.98 -11.23
CA PRO C 170 13.42 -5.46 -11.35
C PRO C 170 12.14 -6.02 -12.01
N ARG C 171 10.97 -5.50 -11.65
CA ARG C 171 9.71 -5.98 -12.23
C ARG C 171 9.46 -5.56 -13.69
N ASP C 172 10.24 -4.62 -14.20
CA ASP C 172 10.15 -4.27 -15.63
C ASP C 172 10.81 -5.27 -16.59
N VAL C 173 11.55 -6.24 -16.02
CA VAL C 173 12.03 -7.38 -16.78
C VAL C 173 10.94 -8.45 -16.71
N ASN C 174 10.64 -9.07 -17.86
CA ASN C 174 9.77 -10.22 -17.87
C ASN C 174 10.52 -11.41 -18.46
N ALA C 175 10.29 -12.60 -17.89
CA ALA C 175 11.00 -13.82 -18.27
C ALA C 175 10.10 -14.95 -17.85
N LEU C 176 10.24 -16.06 -18.56
CA LEU C 176 9.51 -17.30 -18.27
C LEU C 176 10.50 -18.43 -18.04
N ILE C 177 10.25 -19.21 -16.97
CA ILE C 177 11.03 -20.41 -16.61
C ILE C 177 10.04 -21.52 -16.36
N VAL C 178 10.16 -22.61 -17.12
CA VAL C 178 9.14 -23.67 -17.12
C VAL C 178 9.74 -25.08 -16.88
N GLY C 179 8.87 -26.10 -16.94
CA GLY C 179 9.30 -27.50 -16.84
C GLY C 179 9.14 -28.07 -15.42
N ALA C 180 10.02 -27.60 -14.53
CA ALA C 180 10.10 -28.04 -13.15
C ALA C 180 10.90 -27.03 -12.36
N HIS C 181 10.67 -27.01 -11.05
CA HIS C 181 11.52 -26.26 -10.11
C HIS C 181 12.74 -27.17 -9.94
N GLY C 182 13.89 -26.63 -9.60
CA GLY C 182 15.08 -27.49 -9.54
C GLY C 182 16.08 -27.33 -10.68
N ASN C 183 17.13 -28.16 -10.65
CA ASN C 183 18.24 -28.02 -11.59
C ASN C 183 17.89 -28.22 -13.08
N LYS C 184 16.76 -28.88 -13.37
CA LYS C 184 16.28 -29.03 -14.76
C LYS C 184 15.29 -27.95 -15.25
N MET C 185 15.10 -26.87 -14.47
CA MET C 185 14.25 -25.74 -14.89
C MET C 185 14.63 -25.24 -16.28
N VAL C 186 13.63 -24.89 -17.07
CA VAL C 186 13.89 -24.48 -18.46
C VAL C 186 13.88 -22.96 -18.58
N LEU C 187 15.07 -22.36 -18.78
CA LEU C 187 15.22 -20.91 -18.92
C LEU C 187 15.07 -20.55 -20.38
N LEU C 188 14.09 -19.74 -20.70
CA LEU C 188 13.76 -19.49 -22.11
C LEU C 188 14.28 -18.12 -22.56
N LYS C 189 15.46 -18.09 -23.20
CA LYS C 189 16.12 -16.82 -23.54
C LYS C 189 15.28 -15.96 -24.49
N ARG C 190 14.62 -16.65 -25.41
CA ARG C 190 13.70 -16.07 -26.40
C ARG C 190 12.55 -15.24 -25.80
N TYR C 191 12.12 -15.64 -24.60
CA TYR C 191 10.97 -15.03 -23.92
C TYR C 191 11.35 -13.97 -22.85
N ILE C 192 12.59 -13.49 -22.84
CA ILE C 192 12.95 -12.41 -21.91
C ILE C 192 12.70 -11.05 -22.57
N THR C 193 11.90 -10.21 -21.93
CA THR C 193 11.71 -8.83 -22.38
C THR C 193 12.11 -7.88 -21.27
N VAL C 194 12.38 -6.63 -21.63
CA VAL C 194 12.75 -5.57 -20.66
C VAL C 194 12.00 -4.29 -21.02
N GLY C 195 11.09 -3.85 -20.14
CA GLY C 195 10.12 -2.82 -20.49
C GLY C 195 9.34 -3.14 -21.76
N GLY C 196 9.05 -4.43 -21.98
CA GLY C 196 8.30 -4.86 -23.16
C GLY C 196 9.17 -5.09 -24.39
N ILE C 197 10.46 -4.79 -24.27
CA ILE C 197 11.39 -4.83 -25.40
C ILE C 197 12.17 -6.15 -25.39
N PRO C 198 12.25 -6.85 -26.54
CA PRO C 198 12.99 -8.13 -26.58
C PRO C 198 14.42 -7.96 -26.06
N LEU C 199 14.86 -8.93 -25.26
CA LEU C 199 16.22 -8.93 -24.70
C LEU C 199 17.29 -8.82 -25.78
N GLN C 200 17.04 -9.43 -26.94
CA GLN C 200 17.99 -9.42 -28.07
C GLN C 200 18.37 -8.00 -28.53
N GLU C 201 17.48 -7.02 -28.31
CA GLU C 201 17.75 -5.63 -28.69
C GLU C 201 18.86 -5.03 -27.83
N PHE C 202 18.82 -5.28 -26.53
CA PHE C 202 19.89 -4.87 -25.61
C PHE C 202 21.21 -5.58 -25.88
N ILE C 203 21.16 -6.85 -26.27
CA ILE C 203 22.34 -7.59 -26.74
C ILE C 203 22.93 -6.96 -28.01
N ASN C 204 22.07 -6.63 -28.98
CA ASN C 204 22.50 -6.01 -30.25
C ASN C 204 23.15 -4.66 -30.03
N ASN C 205 22.64 -3.92 -29.04
CA ASN C 205 23.16 -2.63 -28.62
C ASN C 205 24.30 -2.71 -27.59
N LYS C 206 24.85 -3.91 -27.39
CA LYS C 206 26.01 -4.15 -26.51
C LYS C 206 25.83 -3.62 -25.08
N LYS C 207 24.59 -3.65 -24.58
CA LYS C 207 24.28 -3.28 -23.19
C LYS C 207 24.50 -4.46 -22.22
N ILE C 208 24.42 -5.66 -22.77
CA ILE C 208 24.68 -6.92 -22.08
C ILE C 208 25.17 -7.90 -23.16
N THR C 209 26.05 -8.84 -22.84
CA THR C 209 26.51 -9.81 -23.89
C THR C 209 25.85 -11.17 -23.75
N ASP C 210 26.04 -12.01 -24.75
CA ASP C 210 25.57 -13.40 -24.71
C ASP C 210 26.22 -14.19 -23.56
N GLU C 211 27.51 -13.90 -23.30
CA GLU C 211 28.26 -14.55 -22.22
C GLU C 211 27.71 -14.14 -20.84
N GLU C 212 27.43 -12.83 -20.68
CA GLU C 212 26.81 -12.30 -19.49
C GLU C 212 25.40 -12.85 -19.25
N VAL C 213 24.64 -13.05 -20.32
CA VAL C 213 23.33 -13.72 -20.19
C VAL C 213 23.49 -15.17 -19.69
N GLU C 214 24.39 -15.95 -20.31
CA GLU C 214 24.65 -17.33 -19.88
C GLU C 214 25.15 -17.39 -18.42
N GLY C 215 25.98 -16.43 -18.03
CA GLY C 215 26.42 -16.30 -16.65
C GLY C 215 25.26 -16.02 -15.70
N ILE C 216 24.34 -15.16 -16.10
CA ILE C 216 23.11 -14.90 -15.31
C ILE C 216 22.21 -16.14 -15.24
N PHE C 217 22.07 -16.82 -16.36
CA PHE C 217 21.40 -18.12 -16.43
C PHE C 217 21.94 -19.17 -15.43
N ASP C 218 23.25 -19.44 -15.46
CA ASP C 218 23.91 -20.29 -14.45
C ASP C 218 23.67 -19.79 -13.01
N ARG C 219 23.79 -18.49 -12.77
CA ARG C 219 23.52 -17.97 -11.44
C ARG C 219 22.09 -18.21 -10.97
N THR C 220 21.13 -18.12 -11.88
CA THR C 220 19.72 -18.37 -11.55
C THR C 220 19.48 -19.84 -11.14
N VAL C 221 19.96 -20.77 -11.96
CA VAL C 221 19.88 -22.21 -11.66
C VAL C 221 20.45 -22.56 -10.28
N ASN C 222 21.63 -22.00 -9.99
CA ASN C 222 22.37 -22.28 -8.78
C ASN C 222 22.11 -21.33 -7.58
N THR C 223 21.04 -20.57 -7.62
CA THR C 223 20.80 -19.55 -6.60
C THR C 223 20.50 -20.13 -5.22
N ALA C 224 19.65 -21.15 -5.16
CA ALA C 224 19.32 -21.82 -3.91
C ALA C 224 20.60 -22.32 -3.24
N LEU C 225 21.47 -22.97 -4.01
CA LEU C 225 22.77 -23.48 -3.56
C LEU C 225 23.68 -22.37 -3.00
N GLU C 226 23.78 -21.28 -3.76
CA GLU C 226 24.54 -20.09 -3.37
C GLU C 226 24.09 -19.54 -2.04
N ILE C 227 22.78 -19.42 -1.85
CA ILE C 227 22.25 -18.94 -0.57
C ILE C 227 22.44 -19.98 0.56
N VAL C 228 22.21 -21.26 0.25
CA VAL C 228 22.47 -22.34 1.25
C VAL C 228 23.90 -22.26 1.77
N ASN C 229 24.86 -22.12 0.86
CA ASN C 229 26.29 -22.02 1.22
C ASN C 229 26.70 -20.77 1.99
N LEU C 230 25.98 -19.69 1.78
CA LEU C 230 26.14 -18.49 2.59
C LEU C 230 25.35 -18.56 3.90
N LEU C 231 24.22 -19.26 3.89
CA LEU C 231 23.22 -19.15 4.95
C LEU C 231 22.46 -20.47 5.17
N ALA C 232 21.34 -20.62 4.48
CA ALA C 232 20.43 -21.76 4.63
C ALA C 232 19.51 -21.72 3.42
N SER C 233 18.55 -22.65 3.37
CA SER C 233 17.59 -22.69 2.29
C SER C 233 16.82 -21.35 2.32
N PRO C 234 16.71 -20.67 1.14
CA PRO C 234 16.08 -19.35 0.98
C PRO C 234 14.64 -19.32 1.53
N TYR C 235 14.21 -18.19 2.10
CA TYR C 235 12.85 -18.11 2.66
C TYR C 235 12.09 -16.80 2.49
N VAL C 236 12.78 -15.67 2.34
CA VAL C 236 12.12 -14.37 2.15
C VAL C 236 11.47 -14.30 0.76
N ALA C 237 12.24 -14.51 -0.29
CA ALA C 237 11.69 -14.48 -1.66
C ALA C 237 10.68 -15.62 -1.95
N PRO C 238 10.93 -16.86 -1.48
CA PRO C 238 9.88 -17.88 -1.58
C PRO C 238 8.53 -17.46 -0.95
N ALA C 239 8.58 -16.89 0.26
CA ALA C 239 7.38 -16.38 0.93
C ALA C 239 6.67 -15.32 0.13
N ALA C 240 7.43 -14.33 -0.38
CA ALA C 240 6.87 -13.24 -1.23
C ALA C 240 6.14 -13.81 -2.47
N ALA C 241 6.78 -14.78 -3.13
CA ALA C 241 6.21 -15.47 -4.30
C ALA C 241 4.91 -16.22 -3.97
N ILE C 242 4.92 -16.92 -2.83
CA ILE C 242 3.72 -17.67 -2.44
C ILE C 242 2.54 -16.70 -2.15
N ILE C 243 2.84 -15.58 -1.49
CA ILE C 243 1.82 -14.61 -1.12
C ILE C 243 1.29 -13.89 -2.38
N GLU C 244 2.15 -13.62 -3.37
CA GLU C 244 1.68 -13.04 -4.61
C GLU C 244 0.67 -14.00 -5.30
N MET C 245 0.97 -15.31 -5.29
CA MET C 245 0.06 -16.36 -5.82
C MET C 245 -1.27 -16.42 -5.01
N ALA C 246 -1.17 -16.46 -3.67
CA ALA C 246 -2.37 -16.49 -2.81
C ALA C 246 -3.23 -15.26 -2.95
N GLU C 247 -2.61 -14.09 -3.05
CA GLU C 247 -3.34 -12.83 -3.25
C GLU C 247 -4.12 -12.76 -4.56
N SER C 248 -3.53 -13.29 -5.65
CA SER C 248 -4.17 -13.33 -6.94
C SER C 248 -5.49 -14.11 -6.84
N TYR C 249 -5.49 -15.19 -6.04
CA TYR C 249 -6.67 -15.99 -5.75
C TYR C 249 -7.66 -15.24 -4.88
N LEU C 250 -7.23 -14.78 -3.72
CA LEU C 250 -8.07 -14.07 -2.77
C LEU C 250 -8.67 -12.75 -3.29
N LYS C 251 -7.93 -12.04 -4.15
CA LYS C 251 -8.47 -10.79 -4.71
C LYS C 251 -8.90 -10.93 -6.18
N ASP C 252 -8.92 -12.16 -6.69
CA ASP C 252 -9.36 -12.38 -8.09
C ASP C 252 -8.64 -11.38 -9.04
N ILE C 253 -7.32 -11.35 -8.96
CA ILE C 253 -6.56 -10.41 -9.74
C ILE C 253 -6.34 -10.92 -11.19
N LYS C 254 -6.30 -12.24 -11.34
CA LYS C 254 -6.07 -12.91 -12.63
C LYS C 254 -4.67 -12.60 -13.20
N LYS C 255 -3.68 -12.59 -12.32
CA LYS C 255 -2.27 -12.53 -12.75
C LYS C 255 -1.90 -13.80 -13.50
N VAL C 256 -1.03 -13.65 -14.50
CA VAL C 256 -0.43 -14.78 -15.21
C VAL C 256 0.82 -15.07 -14.41
N LEU C 257 0.89 -16.27 -13.82
CA LEU C 257 1.99 -16.66 -12.94
C LEU C 257 2.47 -18.06 -13.37
N VAL C 258 3.77 -18.29 -13.44
CA VAL C 258 4.24 -19.65 -13.73
C VAL C 258 4.21 -20.53 -12.48
N CYS C 259 3.38 -21.58 -12.50
CA CYS C 259 3.25 -22.45 -11.35
C CYS C 259 3.16 -23.90 -11.83
N SER C 260 3.41 -24.84 -10.92
CA SER C 260 3.28 -26.29 -11.22
C SER C 260 1.78 -26.68 -11.17
N THR C 261 1.33 -27.31 -12.24
CA THR C 261 -0.08 -27.64 -12.40
C THR C 261 -0.17 -28.96 -13.15
N LEU C 262 -1.30 -29.66 -12.99
CA LEU C 262 -1.57 -30.88 -13.76
C LEU C 262 -1.53 -30.70 -15.30
N LEU C 263 -0.65 -31.45 -15.96
CA LEU C 263 -0.53 -31.39 -17.40
C LEU C 263 -1.48 -32.44 -17.98
N GLU C 264 -2.33 -32.05 -18.93
CA GLU C 264 -3.30 -32.96 -19.58
C GLU C 264 -3.12 -32.95 -21.10
N GLY C 265 -1.88 -33.18 -21.54
CA GLY C 265 -1.57 -33.15 -22.97
C GLY C 265 -0.67 -32.01 -23.37
N GLN C 266 -0.58 -30.97 -22.55
CA GLN C 266 0.28 -29.83 -22.87
C GLN C 266 1.71 -30.30 -22.95
N TYR C 267 2.41 -29.82 -23.97
CA TYR C 267 3.82 -30.15 -24.18
C TYR C 267 4.03 -31.65 -24.45
N GLY C 268 2.93 -32.37 -24.67
CA GLY C 268 2.97 -33.80 -24.99
C GLY C 268 3.01 -34.69 -23.75
N HIS C 269 2.68 -34.11 -22.59
CA HIS C 269 2.77 -34.80 -21.31
C HIS C 269 1.43 -34.85 -20.58
N SER C 270 1.11 -35.99 -19.98
CA SER C 270 -0.07 -36.11 -19.11
C SER C 270 0.33 -36.88 -17.86
N ASN C 271 -0.60 -36.93 -16.88
CA ASN C 271 -0.42 -37.71 -15.63
C ASN C 271 0.77 -37.23 -14.76
N ILE C 272 1.10 -35.95 -14.89
CA ILE C 272 2.26 -35.36 -14.19
C ILE C 272 2.01 -33.87 -14.02
N PHE C 273 2.60 -33.27 -12.97
CA PHE C 273 2.58 -31.81 -12.81
C PHE C 273 3.88 -31.22 -13.37
N GLY C 274 3.80 -30.04 -13.96
CA GLY C 274 4.97 -29.32 -14.46
C GLY C 274 4.71 -27.82 -14.46
N GLY C 275 5.77 -27.03 -14.55
CA GLY C 275 5.71 -25.56 -14.53
C GLY C 275 5.35 -24.99 -15.90
N THR C 276 4.34 -24.12 -15.89
CA THR C 276 3.84 -23.44 -17.09
C THR C 276 3.06 -22.16 -16.68
N PRO C 277 3.04 -21.11 -17.53
CA PRO C 277 2.25 -19.93 -17.14
C PRO C 277 0.77 -20.30 -17.01
N LEU C 278 0.12 -19.69 -16.03
CA LEU C 278 -1.31 -19.92 -15.86
C LEU C 278 -1.93 -18.69 -15.25
N VAL C 279 -3.26 -18.63 -15.26
CA VAL C 279 -3.97 -17.46 -14.71
C VAL C 279 -4.65 -17.82 -13.39
N ILE C 280 -4.32 -17.13 -12.31
CA ILE C 280 -4.93 -17.41 -11.02
C ILE C 280 -5.99 -16.35 -10.69
N GLY C 281 -7.24 -16.78 -10.62
CA GLY C 281 -8.33 -15.91 -10.28
C GLY C 281 -9.10 -16.45 -9.11
N GLY C 282 -10.24 -15.82 -8.82
CA GLY C 282 -11.05 -16.16 -7.66
C GLY C 282 -11.62 -17.57 -7.70
N THR C 283 -11.63 -18.22 -8.86
CA THR C 283 -12.06 -19.62 -8.92
C THR C 283 -10.94 -20.64 -8.87
N GLY C 284 -9.69 -20.18 -8.74
CA GLY C 284 -8.51 -21.03 -8.79
C GLY C 284 -7.75 -20.80 -10.08
N VAL C 285 -7.21 -21.87 -10.66
CA VAL C 285 -6.55 -21.80 -11.95
C VAL C 285 -7.60 -21.65 -13.05
N GLU C 286 -7.62 -20.49 -13.70
CA GLU C 286 -8.64 -20.19 -14.70
C GLU C 286 -8.24 -20.52 -16.12
N GLN C 287 -6.94 -20.49 -16.39
CA GLN C 287 -6.40 -20.74 -17.73
C GLN C 287 -5.03 -21.35 -17.50
N VAL C 288 -4.73 -22.42 -18.24
CA VAL C 288 -3.40 -22.96 -18.31
C VAL C 288 -2.89 -22.62 -19.70
N ILE C 289 -1.81 -21.85 -19.77
CA ILE C 289 -1.27 -21.38 -21.05
C ILE C 289 -0.11 -22.27 -21.49
N GLU C 290 -0.24 -22.87 -22.68
CA GLU C 290 0.83 -23.70 -23.21
C GLU C 290 1.72 -22.86 -24.13
N LEU C 291 2.97 -22.66 -23.74
CA LEU C 291 3.94 -21.96 -24.62
C LEU C 291 4.21 -22.73 -25.91
N GLN C 292 4.44 -22.01 -27.00
CA GLN C 292 4.68 -22.60 -28.31
C GLN C 292 6.19 -22.73 -28.54
N LEU C 293 6.78 -23.67 -27.79
CA LEU C 293 8.24 -23.93 -27.79
C LEU C 293 8.74 -24.49 -29.12
N ASN C 294 9.99 -24.18 -29.49
CA ASN C 294 10.60 -24.85 -30.64
C ASN C 294 11.08 -26.24 -30.19
N ALA C 295 11.64 -27.01 -31.12
CA ALA C 295 12.10 -28.37 -30.86
C ALA C 295 13.14 -28.44 -29.73
N GLU C 296 14.10 -27.52 -29.75
CA GLU C 296 15.18 -27.46 -28.75
C GLU C 296 14.67 -27.11 -27.34
N GLU C 297 13.70 -26.21 -27.27
CA GLU C 297 13.06 -25.86 -26.00
C GLU C 297 12.25 -27.05 -25.48
N LYS C 298 11.58 -27.75 -26.38
CA LYS C 298 10.71 -28.88 -25.98
C LYS C 298 11.52 -30.04 -25.41
N THR C 299 12.67 -30.34 -26.02
CA THR C 299 13.63 -31.32 -25.51
C THR C 299 14.02 -31.03 -24.03
N LYS C 300 14.38 -29.78 -23.74
CA LYS C 300 14.59 -29.35 -22.35
C LYS C 300 13.38 -29.56 -21.42
N PHE C 301 12.16 -29.25 -21.89
CA PHE C 301 10.94 -29.49 -21.12
C PHE C 301 10.81 -30.99 -20.83
N ASP C 302 10.99 -31.82 -21.87
CA ASP C 302 11.00 -33.28 -21.77
C ASP C 302 11.95 -33.78 -20.64
N GLU C 303 13.21 -33.33 -20.67
CA GLU C 303 14.16 -33.59 -19.60
C GLU C 303 13.70 -33.19 -18.16
N ALA C 304 12.97 -32.08 -18.03
CA ALA C 304 12.48 -31.63 -16.71
C ALA C 304 11.43 -32.60 -16.17
N VAL C 305 10.43 -32.94 -17.00
CA VAL C 305 9.38 -33.88 -16.61
C VAL C 305 9.90 -35.30 -16.33
N ALA C 306 10.87 -35.76 -17.14
CA ALA C 306 11.55 -37.05 -16.95
C ALA C 306 12.18 -37.11 -15.55
N GLU C 307 12.84 -36.03 -15.12
CA GLU C 307 13.43 -35.99 -13.79
C GLU C 307 12.37 -36.01 -12.65
N THR C 308 11.25 -35.30 -12.83
CA THR C 308 10.10 -35.39 -11.92
C THR C 308 9.57 -36.85 -11.82
N LYS C 309 9.39 -37.51 -12.98
CA LYS C 309 8.98 -38.92 -13.01
C LYS C 309 10.00 -39.84 -12.31
N ARG C 310 11.29 -39.58 -12.55
CA ARG C 310 12.35 -40.34 -11.88
C ARG C 310 12.21 -40.26 -10.36
N MET C 311 12.05 -39.05 -9.82
CA MET C 311 11.91 -38.86 -8.39
C MET C 311 10.57 -39.41 -7.84
N LYS C 312 9.52 -39.29 -8.62
CA LYS C 312 8.22 -39.81 -8.20
C LYS C 312 8.33 -41.34 -8.09
N ALA C 313 9.09 -41.94 -9.01
CA ALA C 313 9.30 -43.38 -9.01
C ALA C 313 10.18 -43.86 -7.87
N LEU C 314 10.77 -42.93 -7.10
CA LEU C 314 11.56 -43.27 -5.90
C LEU C 314 10.84 -43.09 -4.56
N ILE C 315 9.55 -42.79 -4.58
CA ILE C 315 8.76 -42.62 -3.35
C ILE C 315 8.66 -43.95 -2.59
N HIS C 316 8.99 -45.05 -3.28
CA HIS C 316 9.01 -46.38 -2.65
C HIS C 316 10.36 -47.12 -2.76
N HIS C 317 11.43 -46.36 -2.97
CA HIS C 317 12.79 -46.90 -3.10
C HIS C 317 13.39 -47.28 -1.73
N HIS C 318 14.21 -48.32 -1.72
CA HIS C 318 14.88 -48.79 -0.50
C HIS C 318 16.34 -49.17 -0.72
N THR D 1 12.30 13.73 3.93
CA THR D 1 13.26 14.60 4.68
C THR D 1 14.35 15.20 3.79
N PRO D 2 14.17 16.47 3.37
CA PRO D 2 12.92 17.19 3.52
C PRO D 2 12.00 16.92 2.35
N LYS D 3 10.89 16.23 2.64
CA LYS D 3 9.61 16.21 1.91
C LYS D 3 9.66 16.95 0.54
N PRO D 4 9.47 16.22 -0.60
CA PRO D 4 9.53 16.89 -1.90
C PRO D 4 8.42 17.94 -2.08
N LYS D 5 8.70 18.98 -2.89
CA LYS D 5 7.70 19.98 -3.28
C LYS D 5 7.25 19.76 -4.74
N ILE D 6 5.96 19.52 -4.90
CA ILE D 6 5.34 19.26 -6.21
C ILE D 6 4.42 20.43 -6.60
N VAL D 7 4.70 21.09 -7.71
CA VAL D 7 3.83 22.18 -8.13
C VAL D 7 3.03 21.77 -9.36
N LEU D 8 1.72 21.90 -9.23
CA LEU D 8 0.82 21.64 -10.33
C LEU D 8 0.47 22.98 -10.99
N VAL D 9 1.04 23.20 -12.17
CA VAL D 9 0.78 24.41 -12.94
C VAL D 9 -0.41 24.07 -13.85
N GLY D 10 -1.59 24.45 -13.36
CA GLY D 10 -2.85 24.00 -13.89
C GLY D 10 -3.56 23.18 -12.83
N SER D 11 -4.72 23.64 -12.42
CA SER D 11 -5.47 22.99 -11.35
C SER D 11 -6.91 22.66 -11.77
N GLY D 12 -7.06 22.23 -13.03
CA GLY D 12 -8.38 21.84 -13.53
C GLY D 12 -8.69 20.40 -13.17
N MET D 13 -9.25 19.63 -14.11
CA MET D 13 -9.71 18.25 -13.84
C MET D 13 -8.55 17.32 -13.50
N ILE D 14 -7.49 17.36 -14.31
CA ILE D 14 -6.33 16.49 -14.15
C ILE D 14 -5.55 16.88 -12.91
N GLY D 15 -5.25 18.17 -12.74
CA GLY D 15 -4.64 18.69 -11.51
C GLY D 15 -5.32 18.19 -10.24
N GLY D 16 -6.65 18.26 -10.24
CA GLY D 16 -7.45 17.85 -9.08
C GLY D 16 -7.26 16.39 -8.73
N VAL D 17 -7.27 15.51 -9.73
CA VAL D 17 -6.99 14.08 -9.53
C VAL D 17 -5.53 13.84 -9.12
N MET D 18 -4.59 14.56 -9.73
CA MET D 18 -3.18 14.44 -9.34
C MET D 18 -2.94 14.79 -7.87
N ALA D 19 -3.50 15.89 -7.38
CA ALA D 19 -3.36 16.24 -5.95
C ALA D 19 -3.95 15.15 -5.02
N THR D 20 -5.12 14.61 -5.38
CA THR D 20 -5.75 13.51 -4.65
C THR D 20 -4.80 12.31 -4.52
N LEU D 21 -4.21 11.90 -5.66
CA LEU D 21 -3.36 10.73 -5.69
C LEU D 21 -2.04 10.96 -4.97
N ILE D 22 -1.51 12.19 -5.05
CA ILE D 22 -0.30 12.56 -4.33
C ILE D 22 -0.45 12.39 -2.81
N VAL D 23 -1.58 12.84 -2.29
CA VAL D 23 -1.92 12.64 -0.86
C VAL D 23 -2.09 11.15 -0.52
N GLN D 24 -2.85 10.39 -1.34
CA GLN D 24 -3.03 8.94 -1.13
C GLN D 24 -1.70 8.21 -0.98
N LYS D 25 -0.74 8.58 -1.81
CA LYS D 25 0.58 7.97 -1.83
C LYS D 25 1.61 8.72 -0.94
N ASN D 26 1.21 9.82 -0.31
CA ASN D 26 2.11 10.56 0.60
C ASN D 26 3.44 10.94 -0.06
N LEU D 27 3.33 11.43 -1.30
CA LEU D 27 4.51 11.70 -2.15
C LEU D 27 5.22 13.00 -1.95
N GLY D 28 4.52 14.02 -1.47
CA GLY D 28 5.18 15.29 -1.14
C GLY D 28 4.17 16.41 -0.94
N ASP D 29 4.64 17.60 -0.54
CA ASP D 29 3.76 18.78 -0.46
C ASP D 29 3.36 19.15 -1.88
N VAL D 30 2.12 19.65 -2.01
CA VAL D 30 1.51 19.98 -3.31
C VAL D 30 1.12 21.46 -3.30
N VAL D 31 1.54 22.18 -4.34
CA VAL D 31 0.98 23.50 -4.61
C VAL D 31 0.10 23.39 -5.85
N MET D 32 -1.16 23.75 -5.68
CA MET D 32 -2.11 23.79 -6.79
C MET D 32 -2.14 25.21 -7.34
N PHE D 33 -1.48 25.40 -8.48
CA PHE D 33 -1.45 26.71 -9.15
C PHE D 33 -2.42 26.79 -10.33
N ASP D 34 -3.15 27.91 -10.40
CA ASP D 34 -4.01 28.22 -11.55
C ASP D 34 -4.11 29.72 -11.72
N VAL D 35 -4.49 30.14 -12.93
CA VAL D 35 -4.74 31.55 -13.21
C VAL D 35 -6.14 31.95 -12.73
N VAL D 36 -7.02 30.97 -12.54
CA VAL D 36 -8.38 31.23 -12.05
C VAL D 36 -8.31 31.50 -10.55
N LYS D 37 -8.87 32.63 -10.10
CA LYS D 37 -8.83 33.00 -8.70
C LYS D 37 -9.71 32.10 -7.81
N ASN D 38 -9.23 31.84 -6.59
CA ASN D 38 -9.99 31.13 -5.55
C ASN D 38 -10.20 29.64 -5.75
N MET D 39 -10.35 29.22 -7.00
CA MET D 39 -10.59 27.85 -7.33
C MET D 39 -9.51 26.87 -6.82
N PRO D 40 -8.22 27.10 -7.15
CA PRO D 40 -7.22 26.15 -6.63
C PRO D 40 -7.09 26.16 -5.08
N GLN D 41 -7.30 27.32 -4.45
CA GLN D 41 -7.43 27.41 -3.00
C GLN D 41 -8.58 26.53 -2.46
N GLY D 42 -9.71 26.50 -3.15
CA GLY D 42 -10.88 25.71 -2.74
C GLY D 42 -10.67 24.20 -2.87
N LYS D 43 -10.14 23.77 -4.01
CA LYS D 43 -9.74 22.37 -4.23
C LYS D 43 -8.66 21.87 -3.25
N ALA D 44 -7.68 22.73 -2.94
CA ALA D 44 -6.62 22.41 -2.00
C ALA D 44 -7.15 22.18 -0.58
N LEU D 45 -8.05 23.05 -0.10
CA LEU D 45 -8.64 22.90 1.24
C LEU D 45 -9.37 21.56 1.38
N ASP D 46 -10.26 21.26 0.44
CA ASP D 46 -10.94 19.96 0.33
C ASP D 46 -9.96 18.78 0.37
N THR D 47 -8.99 18.83 -0.53
CA THR D 47 -8.00 17.77 -0.66
C THR D 47 -7.13 17.61 0.59
N SER D 48 -6.80 18.71 1.28
CA SER D 48 -5.94 18.61 2.44
C SER D 48 -6.54 17.74 3.55
N HIS D 49 -7.87 17.75 3.70
CA HIS D 49 -8.54 16.94 4.75
C HIS D 49 -8.41 15.44 4.51
N SER D 50 -8.24 15.04 3.25
CA SER D 50 -8.03 13.62 2.93
C SER D 50 -6.70 13.00 3.44
N ASN D 51 -5.72 13.84 3.83
CA ASN D 51 -4.57 13.35 4.64
C ASN D 51 -4.95 12.48 5.85
N VAL D 52 -6.00 12.85 6.60
CA VAL D 52 -6.51 12.04 7.72
C VAL D 52 -6.87 10.60 7.28
N MET D 53 -7.73 10.48 6.28
CA MET D 53 -8.14 9.12 5.81
C MET D 53 -6.98 8.38 5.20
N ALA D 54 -6.05 9.10 4.59
CA ALA D 54 -4.91 8.42 3.92
C ALA D 54 -3.73 8.10 4.87
N TYR D 55 -3.79 8.50 6.15
CA TYR D 55 -2.61 8.47 7.05
C TYR D 55 -1.37 9.13 6.42
N SER D 56 -1.58 10.23 5.73
CA SER D 56 -0.48 10.95 5.05
C SER D 56 -0.13 12.22 5.78
N ASN D 57 0.96 12.85 5.39
CA ASN D 57 1.24 14.22 5.86
C ASN D 57 1.83 15.08 4.73
N CYS D 58 0.98 15.48 3.79
CA CYS D 58 1.32 16.32 2.64
C CYS D 58 0.58 17.65 2.77
N LYS D 59 1.31 18.76 2.74
CA LYS D 59 0.65 20.06 2.67
C LYS D 59 0.02 20.25 1.30
N VAL D 60 -1.25 20.65 1.27
CA VAL D 60 -1.89 20.98 -0.03
C VAL D 60 -2.39 22.42 0.04
N THR D 61 -1.78 23.29 -0.76
CA THR D 61 -2.15 24.70 -0.86
C THR D 61 -2.50 25.11 -2.28
N GLY D 62 -3.30 26.17 -2.38
CA GLY D 62 -3.66 26.78 -3.65
C GLY D 62 -2.90 28.06 -3.90
N SER D 63 -2.60 28.31 -5.17
CA SER D 63 -1.85 29.53 -5.53
C SER D 63 -2.29 30.20 -6.84
N ASN D 64 -2.28 31.54 -6.84
CA ASN D 64 -2.49 32.32 -8.07
C ASN D 64 -1.21 33.07 -8.44
N SER D 65 -0.10 32.68 -7.82
CA SER D 65 1.15 33.40 -7.98
C SER D 65 2.27 32.48 -8.47
N TYR D 66 2.99 32.90 -9.50
CA TYR D 66 4.08 32.08 -10.05
C TYR D 66 5.23 31.94 -9.06
N ASP D 67 5.28 32.82 -8.06
CA ASP D 67 6.32 32.80 -7.03
C ASP D 67 6.36 31.50 -6.22
N ASP D 68 5.21 30.83 -6.16
CA ASP D 68 5.13 29.55 -5.45
C ASP D 68 5.88 28.37 -6.12
N LEU D 69 6.47 28.63 -7.28
CA LEU D 69 7.39 27.68 -7.96
C LEU D 69 8.73 27.51 -7.25
N LYS D 70 9.09 28.47 -6.39
CA LYS D 70 10.35 28.44 -5.64
C LYS D 70 10.61 27.12 -4.94
N GLY D 71 11.73 26.50 -5.31
CA GLY D 71 12.21 25.30 -4.66
C GLY D 71 11.39 24.07 -5.00
N ALA D 72 10.65 24.13 -6.12
CA ALA D 72 9.93 22.96 -6.61
C ALA D 72 10.88 21.85 -7.04
N ASP D 73 10.56 20.62 -6.64
CA ASP D 73 11.30 19.45 -7.09
C ASP D 73 10.73 18.84 -8.37
N VAL D 74 9.41 18.94 -8.50
CA VAL D 74 8.67 18.43 -9.64
C VAL D 74 7.64 19.49 -10.01
N VAL D 75 7.56 19.78 -11.30
CA VAL D 75 6.60 20.72 -11.82
C VAL D 75 5.81 20.00 -12.92
N ILE D 76 4.49 19.95 -12.77
CA ILE D 76 3.61 19.31 -13.76
C ILE D 76 2.73 20.35 -14.41
N VAL D 77 2.84 20.45 -15.74
CA VAL D 77 2.15 21.49 -16.50
C VAL D 77 0.97 20.95 -17.31
N THR D 78 -0.24 21.27 -16.83
CA THR D 78 -1.49 20.94 -17.53
C THR D 78 -2.21 22.21 -17.94
N ALA D 79 -1.57 23.36 -17.73
CA ALA D 79 -2.11 24.67 -18.06
C ALA D 79 -2.31 24.81 -19.56
N GLY D 80 -3.50 25.27 -19.93
CA GLY D 80 -3.84 25.52 -21.33
C GLY D 80 -5.35 25.57 -21.47
N PHE D 81 -5.90 24.66 -22.26
CA PHE D 81 -7.36 24.51 -22.48
C PHE D 81 -7.73 23.11 -22.96
N THR D 82 -8.97 22.70 -22.71
CA THR D 82 -9.45 21.37 -23.12
C THR D 82 -10.00 21.36 -24.55
N LYS D 83 -11.04 22.15 -24.77
CA LYS D 83 -11.72 22.19 -26.07
C LYS D 83 -11.88 23.62 -26.58
N ALA D 84 -11.86 23.77 -27.91
CA ALA D 84 -11.98 25.08 -28.53
C ALA D 84 -13.39 25.65 -28.38
N PRO D 85 -13.48 26.92 -27.96
CA PRO D 85 -14.76 27.62 -27.83
C PRO D 85 -15.37 27.90 -29.20
N GLY D 86 -16.68 27.69 -29.32
CA GLY D 86 -17.36 27.79 -30.61
C GLY D 86 -17.30 26.44 -31.30
N LYS D 87 -16.24 25.69 -31.01
CA LYS D 87 -16.09 24.34 -31.53
C LYS D 87 -16.80 23.34 -30.62
N SER D 88 -17.44 22.34 -31.22
CA SER D 88 -18.27 21.40 -30.48
C SER D 88 -17.49 20.22 -29.92
N ASP D 89 -18.08 19.04 -30.03
CA ASP D 89 -17.48 17.81 -29.54
C ASP D 89 -17.57 16.71 -30.59
N LYS D 90 -18.44 16.93 -31.58
CA LYS D 90 -18.59 16.02 -32.72
C LYS D 90 -17.41 16.21 -33.66
N GLU D 91 -16.63 17.26 -33.40
CA GLU D 91 -15.47 17.59 -34.21
C GLU D 91 -14.21 17.62 -33.34
N TRP D 92 -14.43 17.59 -32.03
CA TRP D 92 -13.33 17.68 -31.06
C TRP D 92 -11.97 17.45 -31.71
N ASN D 93 -11.17 18.51 -31.79
CA ASN D 93 -9.83 18.43 -32.39
C ASN D 93 -8.89 19.48 -31.80
N ARG D 94 -8.01 20.03 -32.63
CA ARG D 94 -6.98 20.95 -32.15
C ARG D 94 -6.46 21.86 -33.25
N ASP D 95 -6.19 23.12 -32.90
CA ASP D 95 -5.60 24.08 -33.84
C ASP D 95 -6.04 25.53 -33.59
N ASP D 96 -5.22 26.47 -34.07
CA ASP D 96 -5.48 27.88 -33.85
C ASP D 96 -5.12 28.28 -32.42
N LEU D 97 -4.95 27.28 -31.57
CA LEU D 97 -4.64 27.50 -30.17
C LEU D 97 -3.15 27.52 -29.90
N LEU D 98 -2.36 27.16 -30.91
CA LEU D 98 -0.92 27.01 -30.72
C LEU D 98 -0.23 28.27 -30.21
N PRO D 99 -0.32 29.38 -30.96
CA PRO D 99 0.33 30.60 -30.51
C PRO D 99 -0.02 30.98 -29.07
N LEU D 100 -1.28 30.78 -28.68
CA LEU D 100 -1.68 31.15 -27.32
C LEU D 100 -0.90 30.32 -26.31
N ASN D 101 -0.87 29.00 -26.55
CA ASN D 101 -0.22 28.05 -25.65
C ASN D 101 1.29 28.21 -25.61
N ASN D 102 1.88 28.63 -26.72
CA ASN D 102 3.30 28.99 -26.75
C ASN D 102 3.58 30.18 -25.83
N LYS D 103 2.69 31.17 -25.84
CA LYS D 103 2.74 32.32 -24.94
C LYS D 103 2.59 31.94 -23.46
N ILE D 104 1.81 30.88 -23.22
CA ILE D 104 1.78 30.22 -21.87
C ILE D 104 3.12 29.56 -21.52
N MET D 105 3.68 28.80 -22.47
CA MET D 105 4.93 28.06 -22.25
C MET D 105 6.13 28.99 -22.16
N ILE D 106 6.08 30.12 -22.89
CA ILE D 106 7.08 31.17 -22.76
C ILE D 106 7.03 31.75 -21.35
N GLU D 107 5.81 32.06 -20.89
CA GLU D 107 5.59 32.65 -19.57
C GLU D 107 5.95 31.70 -18.42
N ILE D 108 5.51 30.44 -18.53
CA ILE D 108 5.88 29.39 -17.53
C ILE D 108 7.39 29.12 -17.52
N GLY D 109 7.95 28.93 -18.72
CA GLY D 109 9.40 28.79 -18.91
C GLY D 109 10.21 29.88 -18.22
N GLY D 110 9.85 31.14 -18.45
CA GLY D 110 10.49 32.27 -17.76
C GLY D 110 10.56 32.08 -16.26
N HIS D 111 9.42 31.69 -15.67
CA HIS D 111 9.31 31.52 -14.22
C HIS D 111 10.13 30.36 -13.67
N ILE D 112 10.07 29.21 -14.35
CA ILE D 112 10.87 28.02 -14.04
C ILE D 112 12.37 28.36 -14.04
N LYS D 113 12.83 29.04 -15.09
CA LYS D 113 14.23 29.45 -15.24
C LYS D 113 14.72 30.23 -14.02
N ASN D 114 13.88 31.15 -13.55
CA ASN D 114 14.19 32.01 -12.41
C ASN D 114 14.02 31.37 -11.03
N LEU D 115 13.03 30.49 -10.85
CA LEU D 115 12.61 30.03 -9.51
C LEU D 115 12.86 28.55 -9.16
N CYS D 116 12.86 27.68 -10.18
CA CYS D 116 13.10 26.25 -9.98
C CYS D 116 13.81 25.62 -11.18
N PRO D 117 15.05 26.07 -11.46
CA PRO D 117 15.80 25.58 -12.63
C PRO D 117 16.30 24.14 -12.47
N ASN D 118 16.29 23.62 -11.25
CA ASN D 118 16.69 22.24 -10.97
C ASN D 118 15.52 21.26 -10.79
N ALA D 119 14.32 21.72 -11.14
CA ALA D 119 13.10 20.89 -11.05
C ALA D 119 13.02 19.93 -12.22
N PHE D 120 12.40 18.77 -11.97
CA PHE D 120 12.00 17.83 -13.02
C PHE D 120 10.61 18.25 -13.56
N ILE D 121 10.48 18.34 -14.87
CA ILE D 121 9.27 18.91 -15.51
C ILE D 121 8.51 17.87 -16.31
N ILE D 122 7.20 17.81 -16.08
CA ILE D 122 6.34 16.97 -16.88
C ILE D 122 5.31 17.86 -17.59
N VAL D 123 5.31 17.84 -18.91
CA VAL D 123 4.37 18.62 -19.72
C VAL D 123 3.20 17.76 -20.20
N VAL D 124 1.99 18.27 -20.03
CA VAL D 124 0.77 17.51 -20.33
C VAL D 124 -0.04 18.24 -21.41
N THR D 125 0.01 19.56 -21.39
CA THR D 125 -0.67 20.44 -22.37
C THR D 125 -0.50 20.01 -23.84
N ASN D 126 -1.64 19.81 -24.51
CA ASN D 126 -1.73 19.47 -25.93
C ASN D 126 -1.47 20.62 -26.92
N PRO D 127 -0.94 20.31 -28.14
CA PRO D 127 -0.30 19.05 -28.56
C PRO D 127 1.03 18.88 -27.86
N VAL D 128 1.11 17.83 -27.04
CA VAL D 128 2.16 17.68 -26.03
C VAL D 128 3.57 17.64 -26.61
N ASP D 129 3.73 16.97 -27.75
CA ASP D 129 5.05 16.77 -28.35
C ASP D 129 5.66 18.08 -28.85
N VAL D 130 4.78 19.04 -29.15
CA VAL D 130 5.18 20.42 -29.52
C VAL D 130 5.42 21.25 -28.25
N MET D 131 4.45 21.22 -27.33
CA MET D 131 4.46 22.03 -26.11
C MET D 131 5.64 21.76 -25.20
N VAL D 132 6.10 20.51 -25.14
CA VAL D 132 7.24 20.18 -24.27
C VAL D 132 8.56 20.75 -24.79
N GLN D 133 8.73 20.81 -26.11
CA GLN D 133 9.92 21.43 -26.70
C GLN D 133 9.94 22.93 -26.46
N LEU D 134 8.78 23.55 -26.52
CA LEU D 134 8.65 24.98 -26.26
C LEU D 134 9.08 25.34 -24.84
N LEU D 135 8.56 24.59 -23.87
CA LEU D 135 8.92 24.79 -22.46
C LEU D 135 10.40 24.47 -22.23
N PHE D 136 10.91 23.41 -22.85
CA PHE D 136 12.34 23.08 -22.82
C PHE D 136 13.20 24.30 -23.25
N GLU D 137 12.81 24.94 -24.36
CA GLU D 137 13.58 26.08 -24.92
C GLU D 137 13.52 27.33 -24.05
N HIS D 138 12.33 27.64 -23.53
CA HIS D 138 12.14 28.82 -22.68
C HIS D 138 12.47 28.65 -21.19
N SER D 139 12.52 27.42 -20.70
CA SER D 139 12.89 27.17 -19.32
C SER D 139 14.40 27.00 -19.13
N GLY D 140 15.10 26.59 -20.19
CA GLY D 140 16.55 26.33 -20.16
C GLY D 140 17.00 25.14 -19.33
N VAL D 141 16.05 24.28 -18.94
CA VAL D 141 16.35 23.09 -18.13
C VAL D 141 17.05 22.03 -19.00
N PRO D 142 17.95 21.22 -18.40
CA PRO D 142 18.64 20.19 -19.20
C PRO D 142 17.67 19.20 -19.87
N LYS D 143 18.13 18.57 -20.95
CA LYS D 143 17.34 17.59 -21.72
C LYS D 143 16.82 16.40 -20.90
N ASN D 144 17.56 16.00 -19.86
CA ASN D 144 17.19 14.85 -19.03
C ASN D 144 16.24 15.21 -17.88
N LYS D 145 15.87 16.49 -17.79
CA LYS D 145 14.98 16.97 -16.71
C LYS D 145 13.58 17.45 -17.19
N ILE D 146 13.20 17.10 -18.41
CA ILE D 146 11.87 17.46 -18.92
C ILE D 146 11.34 16.42 -19.92
N ILE D 147 10.10 15.98 -19.71
CA ILE D 147 9.45 15.00 -20.57
C ILE D 147 7.97 15.37 -20.79
N GLY D 148 7.35 14.73 -21.78
CA GLY D 148 5.93 14.93 -22.05
C GLY D 148 5.15 13.66 -21.80
N LEU D 149 3.93 13.80 -21.26
CA LEU D 149 2.99 12.70 -21.15
C LEU D 149 2.51 12.27 -22.53
N GLY D 150 2.57 10.97 -22.80
CA GLY D 150 2.07 10.39 -24.07
C GLY D 150 1.81 8.91 -23.88
N GLY D 151 2.86 8.11 -24.06
CA GLY D 151 2.79 6.65 -24.08
C GLY D 151 2.25 5.89 -22.89
N VAL D 152 2.58 6.34 -21.68
CA VAL D 152 2.07 5.68 -20.48
C VAL D 152 0.54 5.65 -20.55
N LEU D 153 -0.07 6.76 -20.94
CA LEU D 153 -1.52 6.83 -21.01
C LEU D 153 -2.07 6.07 -22.22
N ASP D 154 -1.48 6.29 -23.38
CA ASP D 154 -1.88 5.62 -24.63
C ASP D 154 -1.77 4.09 -24.48
N THR D 155 -0.66 3.62 -23.90
CA THR D 155 -0.44 2.19 -23.71
C THR D 155 -1.34 1.60 -22.61
N SER D 156 -1.72 2.39 -21.58
CA SER D 156 -2.70 1.93 -20.57
C SER D 156 -4.03 1.47 -21.21
N ARG D 157 -4.49 2.19 -22.23
CA ARG D 157 -5.69 1.84 -22.98
C ARG D 157 -5.54 0.53 -23.76
N LEU D 158 -4.46 0.43 -24.52
CA LEU D 158 -4.18 -0.77 -25.33
C LEU D 158 -4.09 -1.99 -24.40
N LYS D 159 -3.29 -1.85 -23.34
CA LYS D 159 -3.13 -2.89 -22.31
C LYS D 159 -4.47 -3.29 -21.71
N TYR D 160 -5.23 -2.31 -21.23
CA TYR D 160 -6.57 -2.56 -20.70
C TYR D 160 -7.50 -3.34 -21.67
N TYR D 161 -7.61 -2.88 -22.92
CA TYR D 161 -8.56 -3.51 -23.86
C TYR D 161 -8.12 -4.93 -24.21
N ILE D 162 -6.83 -5.15 -24.41
CA ILE D 162 -6.32 -6.50 -24.67
C ILE D 162 -6.55 -7.40 -23.43
N SER D 163 -6.31 -6.87 -22.24
CA SER D 163 -6.47 -7.62 -20.98
C SER D 163 -7.90 -8.11 -20.78
N GLN D 164 -8.86 -7.30 -21.21
CA GLN D 164 -10.27 -7.67 -21.08
C GLN D 164 -10.77 -8.70 -22.10
N LYS D 165 -10.22 -8.69 -23.31
CA LYS D 165 -10.54 -9.76 -24.25
C LYS D 165 -9.96 -11.09 -23.79
N LEU D 166 -8.74 -11.05 -23.21
CA LEU D 166 -8.00 -12.28 -22.85
C LEU D 166 -8.20 -12.72 -21.40
N ASN D 167 -8.95 -11.92 -20.63
CA ASN D 167 -9.33 -12.25 -19.25
C ASN D 167 -8.14 -12.40 -18.28
N VAL D 168 -7.20 -11.45 -18.33
CA VAL D 168 -6.02 -11.44 -17.43
C VAL D 168 -5.92 -10.06 -16.75
N CYS D 169 -5.08 -9.94 -15.73
CA CYS D 169 -4.81 -8.67 -15.07
C CYS D 169 -4.34 -7.64 -16.11
N PRO D 170 -4.94 -6.42 -16.16
CA PRO D 170 -4.50 -5.36 -17.09
C PRO D 170 -2.98 -5.13 -17.14
N ARG D 171 -2.32 -4.95 -15.98
CA ARG D 171 -0.87 -4.76 -16.01
C ARG D 171 -0.02 -5.95 -16.52
N ASP D 172 -0.61 -7.14 -16.63
CA ASP D 172 0.11 -8.28 -17.23
C ASP D 172 0.25 -8.22 -18.76
N VAL D 173 -0.36 -7.22 -19.40
CA VAL D 173 -0.14 -6.95 -20.83
C VAL D 173 0.93 -5.88 -20.97
N ASN D 174 1.96 -6.14 -21.76
CA ASN D 174 2.89 -5.08 -22.05
C ASN D 174 2.76 -4.66 -23.50
N ALA D 175 2.90 -3.38 -23.78
CA ALA D 175 2.69 -2.83 -25.12
C ALA D 175 3.49 -1.54 -25.23
N LEU D 176 3.96 -1.24 -26.45
CA LEU D 176 4.69 0.00 -26.76
C LEU D 176 3.97 0.84 -27.83
N ILE D 177 3.63 2.09 -27.48
CA ILE D 177 3.08 3.06 -28.45
C ILE D 177 4.05 4.24 -28.52
N VAL D 178 4.52 4.56 -29.73
CA VAL D 178 5.61 5.53 -29.88
C VAL D 178 5.33 6.64 -30.89
N GLY D 179 6.35 7.42 -31.23
CA GLY D 179 6.25 8.45 -32.26
C GLY D 179 5.79 9.78 -31.70
N ALA D 180 4.48 9.90 -31.53
CA ALA D 180 3.86 11.10 -30.98
C ALA D 180 2.59 10.68 -30.25
N HIS D 181 2.15 11.51 -29.31
CA HIS D 181 0.82 11.36 -28.70
C HIS D 181 -0.19 12.02 -29.65
N GLY D 182 -1.31 11.34 -29.86
CA GLY D 182 -2.32 11.80 -30.80
C GLY D 182 -2.53 10.82 -31.93
N ASN D 183 -3.28 11.25 -32.94
CA ASN D 183 -3.81 10.39 -34.01
C ASN D 183 -2.77 9.67 -34.86
N LYS D 184 -1.53 10.16 -34.87
CA LYS D 184 -0.45 9.52 -35.61
C LYS D 184 0.38 8.55 -34.72
N MET D 185 -0.13 8.25 -33.53
CA MET D 185 0.57 7.35 -32.58
C MET D 185 0.88 6.01 -33.22
N VAL D 186 2.07 5.49 -32.95
CA VAL D 186 2.54 4.27 -33.61
C VAL D 186 2.30 3.09 -32.67
N LEU D 187 1.27 2.31 -32.98
CA LEU D 187 0.96 1.12 -32.18
C LEU D 187 1.74 -0.05 -32.76
N LEU D 188 2.64 -0.62 -31.97
CA LEU D 188 3.54 -1.66 -32.48
C LEU D 188 3.06 -3.05 -32.08
N LYS D 189 2.34 -3.70 -33.00
CA LYS D 189 1.72 -5.01 -32.76
C LYS D 189 2.74 -6.09 -32.37
N ARG D 190 3.91 -6.06 -33.01
CA ARG D 190 5.02 -6.99 -32.79
C ARG D 190 5.52 -7.01 -31.33
N TYR D 191 5.47 -5.84 -30.68
CA TYR D 191 5.99 -5.69 -29.32
C TYR D 191 5.01 -6.03 -28.20
N ILE D 192 3.78 -6.43 -28.51
CA ILE D 192 2.77 -6.71 -27.46
C ILE D 192 2.99 -8.10 -26.84
N THR D 193 2.99 -8.16 -25.51
CA THR D 193 3.11 -9.43 -24.79
C THR D 193 2.05 -9.55 -23.72
N VAL D 194 1.70 -10.77 -23.34
CA VAL D 194 0.70 -11.02 -22.30
C VAL D 194 1.34 -12.00 -21.31
N GLY D 195 1.66 -11.55 -20.09
CA GLY D 195 2.39 -12.39 -19.15
C GLY D 195 3.76 -12.75 -19.70
N GLY D 196 4.33 -11.83 -20.48
CA GLY D 196 5.64 -12.03 -21.04
C GLY D 196 5.62 -12.85 -22.32
N ILE D 197 4.44 -13.31 -22.72
CA ILE D 197 4.25 -14.20 -23.89
C ILE D 197 3.81 -13.36 -25.11
N PRO D 198 4.46 -13.54 -26.28
CA PRO D 198 4.04 -12.82 -27.48
C PRO D 198 2.53 -12.86 -27.72
N LEU D 199 1.92 -11.71 -28.03
CA LEU D 199 0.51 -11.70 -28.45
C LEU D 199 0.23 -12.71 -29.57
N GLN D 200 1.16 -12.83 -30.50
CA GLN D 200 1.00 -13.77 -31.62
C GLN D 200 0.62 -15.20 -31.19
N GLU D 201 1.06 -15.64 -30.02
CA GLU D 201 0.74 -16.99 -29.52
C GLU D 201 -0.74 -17.15 -29.20
N PHE D 202 -1.34 -16.09 -28.64
CA PHE D 202 -2.79 -16.02 -28.40
C PHE D 202 -3.58 -15.85 -29.68
N ILE D 203 -3.01 -15.18 -30.68
CA ILE D 203 -3.65 -15.12 -32.00
C ILE D 203 -3.64 -16.52 -32.62
N ASN D 204 -2.50 -17.21 -32.55
CA ASN D 204 -2.37 -18.59 -33.07
C ASN D 204 -3.34 -19.55 -32.40
N ASN D 205 -3.54 -19.40 -31.09
CA ASN D 205 -4.49 -20.23 -30.34
C ASN D 205 -5.96 -19.74 -30.39
N LYS D 206 -6.24 -18.81 -31.29
CA LYS D 206 -7.59 -18.30 -31.53
C LYS D 206 -8.31 -17.67 -30.31
N LYS D 207 -7.53 -17.19 -29.33
CA LYS D 207 -8.12 -16.53 -28.17
C LYS D 207 -8.50 -15.08 -28.52
N ILE D 208 -7.88 -14.58 -29.59
CA ILE D 208 -8.08 -13.23 -30.13
C ILE D 208 -7.69 -13.24 -31.61
N THR D 209 -8.44 -12.52 -32.46
CA THR D 209 -8.14 -12.49 -33.89
C THR D 209 -7.32 -11.25 -34.28
N ASP D 210 -6.69 -11.30 -35.44
CA ASP D 210 -5.98 -10.16 -36.03
C ASP D 210 -6.90 -8.94 -36.21
N GLU D 211 -8.17 -9.19 -36.59
CA GLU D 211 -9.18 -8.13 -36.74
C GLU D 211 -9.67 -7.53 -35.41
N GLU D 212 -9.79 -8.36 -34.37
CA GLU D 212 -10.09 -7.83 -33.04
C GLU D 212 -8.95 -6.97 -32.51
N VAL D 213 -7.71 -7.35 -32.83
CA VAL D 213 -6.54 -6.55 -32.48
C VAL D 213 -6.59 -5.22 -33.22
N GLU D 214 -6.93 -5.25 -34.52
CA GLU D 214 -7.08 -4.01 -35.29
C GLU D 214 -8.17 -3.09 -34.73
N GLY D 215 -9.29 -3.68 -34.30
CA GLY D 215 -10.38 -2.94 -33.70
C GLY D 215 -9.96 -2.31 -32.37
N ILE D 216 -9.08 -2.98 -31.63
CA ILE D 216 -8.55 -2.46 -30.36
C ILE D 216 -7.54 -1.32 -30.61
N PHE D 217 -6.71 -1.46 -31.67
CA PHE D 217 -5.81 -0.40 -32.09
C PHE D 217 -6.59 0.92 -32.38
N ASP D 218 -7.62 0.82 -33.22
CA ASP D 218 -8.53 1.93 -33.47
C ASP D 218 -9.18 2.49 -32.21
N ARG D 219 -9.65 1.61 -31.32
CA ARG D 219 -10.29 2.08 -30.10
C ARG D 219 -9.32 2.85 -29.21
N THR D 220 -8.07 2.40 -29.18
CA THR D 220 -6.97 3.08 -28.47
C THR D 220 -6.70 4.48 -29.03
N VAL D 221 -6.50 4.58 -30.35
CA VAL D 221 -6.29 5.86 -31.02
C VAL D 221 -7.44 6.85 -30.74
N ASN D 222 -8.67 6.33 -30.76
CA ASN D 222 -9.85 7.18 -30.64
C ASN D 222 -10.49 7.31 -29.26
N THR D 223 -9.77 6.89 -28.22
CA THR D 223 -10.36 6.77 -26.91
C THR D 223 -10.78 8.12 -26.35
N ALA D 224 -9.93 9.14 -26.50
CA ALA D 224 -10.25 10.49 -25.98
C ALA D 224 -11.55 11.02 -26.61
N LEU D 225 -11.70 10.87 -27.93
CA LEU D 225 -12.96 11.17 -28.69
C LEU D 225 -14.21 10.45 -28.14
N GLU D 226 -14.05 9.15 -27.89
CA GLU D 226 -15.09 8.27 -27.34
C GLU D 226 -15.60 8.78 -25.98
N ILE D 227 -14.67 9.15 -25.11
CA ILE D 227 -15.00 9.71 -23.81
C ILE D 227 -15.71 11.09 -23.93
N VAL D 228 -15.18 11.94 -24.79
CA VAL D 228 -15.74 13.27 -25.01
C VAL D 228 -17.16 13.18 -25.61
N ASN D 229 -17.37 12.25 -26.53
CA ASN D 229 -18.70 12.03 -27.11
C ASN D 229 -19.72 11.52 -26.06
N LEU D 230 -19.22 10.96 -24.94
CA LEU D 230 -20.06 10.47 -23.85
C LEU D 230 -20.17 11.42 -22.64
N LEU D 231 -19.40 12.52 -22.64
CA LEU D 231 -19.05 13.36 -21.42
C LEU D 231 -17.57 13.42 -21.03
N ALA D 232 -16.86 14.18 -21.86
CA ALA D 232 -15.70 14.97 -21.54
C ALA D 232 -14.47 14.31 -20.99
N SER D 233 -13.35 14.90 -21.39
CA SER D 233 -12.11 14.82 -20.64
C SER D 233 -11.80 13.49 -20.02
N PRO D 234 -10.94 12.76 -20.69
CA PRO D 234 -10.25 11.83 -19.86
C PRO D 234 -9.45 12.69 -18.86
N TYR D 235 -9.65 12.48 -17.56
CA TYR D 235 -8.75 13.06 -16.55
C TYR D 235 -8.20 12.11 -15.53
N VAL D 236 -8.95 11.03 -15.22
CA VAL D 236 -8.53 10.09 -14.18
C VAL D 236 -7.30 9.32 -14.66
N ALA D 237 -7.39 8.67 -15.80
CA ALA D 237 -6.24 7.92 -16.30
C ALA D 237 -5.01 8.78 -16.65
N PRO D 238 -5.20 9.95 -17.34
CA PRO D 238 -4.07 10.88 -17.50
C PRO D 238 -3.39 11.23 -16.16
N ALA D 239 -4.15 11.55 -15.12
CA ALA D 239 -3.56 11.85 -13.80
C ALA D 239 -2.81 10.65 -13.20
N ALA D 240 -3.34 9.44 -13.33
CA ALA D 240 -2.63 8.28 -12.77
C ALA D 240 -1.34 8.01 -13.54
N ALA D 241 -1.38 8.19 -14.86
CA ALA D 241 -0.19 8.07 -15.71
C ALA D 241 0.92 9.07 -15.32
N ILE D 242 0.54 10.32 -15.09
CA ILE D 242 1.50 11.36 -14.72
C ILE D 242 2.14 11.06 -13.35
N ILE D 243 1.32 10.67 -12.38
CA ILE D 243 1.79 10.32 -11.04
C ILE D 243 2.71 9.08 -11.11
N GLU D 244 2.39 8.10 -11.97
CA GLU D 244 3.32 6.99 -12.21
C GLU D 244 4.72 7.50 -12.65
N MET D 245 4.74 8.46 -13.56
CA MET D 245 5.99 9.10 -14.03
C MET D 245 6.68 9.86 -12.90
N ALA D 246 5.92 10.69 -12.18
CA ALA D 246 6.49 11.53 -11.15
C ALA D 246 7.08 10.70 -10.02
N GLU D 247 6.37 9.65 -9.61
CA GLU D 247 6.82 8.73 -8.56
C GLU D 247 8.11 7.97 -8.89
N SER D 248 8.25 7.53 -10.15
CA SER D 248 9.46 6.87 -10.61
C SER D 248 10.71 7.73 -10.42
N TYR D 249 10.56 9.03 -10.70
CA TYR D 249 11.58 10.05 -10.39
C TYR D 249 11.81 10.18 -8.86
N LEU D 250 10.75 10.53 -8.13
CA LEU D 250 10.87 10.87 -6.69
C LEU D 250 11.38 9.72 -5.81
N LYS D 251 11.12 8.49 -6.25
CA LYS D 251 11.56 7.29 -5.54
C LYS D 251 12.68 6.52 -6.24
N ASP D 252 13.31 7.11 -7.25
CA ASP D 252 14.40 6.46 -7.98
C ASP D 252 14.04 5.00 -8.36
N ILE D 253 12.89 4.77 -8.97
CA ILE D 253 12.46 3.40 -9.22
C ILE D 253 13.08 2.81 -10.52
N LYS D 254 13.41 3.68 -11.45
CA LYS D 254 13.97 3.31 -12.76
C LYS D 254 13.03 2.48 -13.63
N LYS D 255 11.74 2.84 -13.62
CA LYS D 255 10.74 2.18 -14.45
C LYS D 255 11.00 2.51 -15.91
N VAL D 256 10.66 1.58 -16.80
CA VAL D 256 10.76 1.82 -18.23
C VAL D 256 9.38 2.34 -18.64
N LEU D 257 9.35 3.59 -19.11
CA LEU D 257 8.11 4.31 -19.39
C LEU D 257 8.29 5.02 -20.74
N VAL D 258 7.29 4.90 -21.63
CA VAL D 258 7.29 5.64 -22.89
C VAL D 258 6.79 7.09 -22.68
N CYS D 259 7.67 8.05 -22.94
CA CYS D 259 7.37 9.47 -22.72
C CYS D 259 7.96 10.29 -23.87
N SER D 260 7.58 11.57 -23.97
CA SER D 260 8.12 12.49 -24.99
C SER D 260 9.45 13.06 -24.53
N THR D 261 10.48 12.85 -25.33
CA THR D 261 11.83 13.26 -24.94
C THR D 261 12.58 13.81 -26.16
N LEU D 262 13.58 14.63 -25.92
CA LEU D 262 14.35 15.21 -27.03
C LEU D 262 15.05 14.11 -27.82
N LEU D 263 14.76 14.06 -29.12
CA LEU D 263 15.43 13.12 -30.03
C LEU D 263 16.72 13.73 -30.56
N GLU D 264 17.79 12.95 -30.51
CA GLU D 264 19.12 13.38 -30.92
C GLU D 264 19.75 12.39 -31.92
N GLY D 265 19.01 12.06 -32.97
CA GLY D 265 19.49 11.12 -33.97
C GLY D 265 18.79 9.78 -33.90
N GLN D 266 18.04 9.54 -32.80
CA GLN D 266 17.26 8.31 -32.65
C GLN D 266 16.14 8.28 -33.68
N TYR D 267 15.97 7.13 -34.32
CA TYR D 267 14.99 6.92 -35.41
C TYR D 267 15.25 7.76 -36.67
N GLY D 268 16.38 8.47 -36.67
CA GLY D 268 16.81 9.30 -37.79
C GLY D 268 16.46 10.77 -37.62
N HIS D 269 15.88 11.12 -36.47
CA HIS D 269 15.33 12.46 -36.23
C HIS D 269 16.10 13.23 -35.14
N SER D 270 16.23 14.54 -35.29
CA SER D 270 16.80 15.40 -34.24
C SER D 270 16.06 16.73 -34.16
N ASN D 271 16.35 17.49 -33.10
CA ASN D 271 15.78 18.83 -32.88
C ASN D 271 14.25 18.78 -32.80
N ILE D 272 13.75 17.71 -32.16
CA ILE D 272 12.32 17.40 -32.06
C ILE D 272 12.11 16.48 -30.86
N PHE D 273 10.94 16.59 -30.22
CA PHE D 273 10.57 15.68 -29.14
C PHE D 273 9.72 14.55 -29.68
N GLY D 274 9.97 13.33 -29.19
CA GLY D 274 9.31 12.15 -29.70
C GLY D 274 9.04 11.16 -28.59
N GLY D 275 8.05 10.31 -28.79
CA GLY D 275 7.66 9.31 -27.79
C GLY D 275 8.46 8.04 -27.97
N THR D 276 9.14 7.60 -26.90
CA THR D 276 10.05 6.43 -26.95
C THR D 276 10.27 5.91 -25.53
N PRO D 277 10.52 4.60 -25.38
CA PRO D 277 10.86 4.08 -24.06
C PRO D 277 12.02 4.83 -23.42
N LEU D 278 11.85 5.22 -22.17
CA LEU D 278 12.90 5.87 -21.40
C LEU D 278 12.95 5.24 -20.02
N VAL D 279 14.08 5.41 -19.32
CA VAL D 279 14.18 5.04 -17.90
C VAL D 279 14.15 6.31 -17.08
N ILE D 280 13.16 6.38 -16.16
CA ILE D 280 13.05 7.49 -15.23
C ILE D 280 13.60 7.06 -13.86
N GLY D 281 14.70 7.70 -13.48
CA GLY D 281 15.26 7.51 -12.17
C GLY D 281 15.40 8.79 -11.40
N GLY D 282 16.11 8.70 -10.29
CA GLY D 282 16.30 9.82 -9.38
C GLY D 282 17.04 11.02 -9.96
N THR D 283 17.73 10.84 -11.08
CA THR D 283 18.38 11.96 -11.77
C THR D 283 17.64 12.44 -13.03
N GLY D 284 16.42 11.93 -13.27
CA GLY D 284 15.59 12.28 -14.42
C GLY D 284 15.64 11.16 -15.42
N VAL D 285 15.77 11.50 -16.70
CA VAL D 285 15.94 10.49 -17.75
C VAL D 285 17.36 9.95 -17.70
N GLU D 286 17.46 8.68 -17.32
CA GLU D 286 18.72 8.03 -17.13
C GLU D 286 19.16 7.29 -18.39
N GLN D 287 18.19 6.87 -19.21
CA GLN D 287 18.43 6.18 -20.49
C GLN D 287 17.31 6.53 -21.45
N VAL D 288 17.65 6.70 -22.72
CA VAL D 288 16.64 6.75 -23.79
C VAL D 288 16.84 5.51 -24.65
N ILE D 289 15.81 4.69 -24.75
CA ILE D 289 15.91 3.43 -25.48
C ILE D 289 15.35 3.62 -26.88
N GLU D 290 16.15 3.30 -27.88
CA GLU D 290 15.71 3.38 -29.26
C GLU D 290 15.30 1.99 -29.74
N LEU D 291 14.02 1.82 -30.03
CA LEU D 291 13.54 0.55 -30.55
C LEU D 291 14.16 0.26 -31.92
N GLN D 292 14.49 -1.00 -32.17
CA GLN D 292 15.01 -1.43 -33.45
C GLN D 292 13.86 -1.75 -34.41
N LEU D 293 13.30 -0.69 -34.98
CA LEU D 293 12.10 -0.77 -35.82
C LEU D 293 12.47 -1.22 -37.22
N ASN D 294 11.57 -1.97 -37.86
CA ASN D 294 11.70 -2.28 -39.29
C ASN D 294 11.18 -1.13 -40.15
N ALA D 295 11.39 -1.21 -41.46
CA ALA D 295 11.05 -0.14 -42.39
C ALA D 295 9.58 0.31 -42.32
N GLU D 296 8.66 -0.66 -42.19
CA GLU D 296 7.22 -0.36 -42.10
C GLU D 296 6.92 0.42 -40.83
N GLU D 297 7.64 0.10 -39.76
CA GLU D 297 7.46 0.78 -38.47
C GLU D 297 8.13 2.14 -38.48
N LYS D 298 9.32 2.23 -39.09
CA LYS D 298 10.06 3.48 -39.15
C LYS D 298 9.35 4.54 -39.98
N THR D 299 8.63 4.10 -41.03
CA THR D 299 7.80 5.01 -41.83
C THR D 299 6.63 5.63 -41.04
N LYS D 300 6.00 4.82 -40.18
CA LYS D 300 4.93 5.28 -39.28
C LYS D 300 5.42 6.27 -38.21
N PHE D 301 6.62 6.04 -37.69
CA PHE D 301 7.30 6.96 -36.78
C PHE D 301 7.63 8.29 -37.48
N ASP D 302 8.11 8.21 -38.73
CA ASP D 302 8.35 9.39 -39.58
C ASP D 302 7.13 10.27 -39.76
N GLU D 303 5.98 9.65 -40.06
CA GLU D 303 4.71 10.35 -40.19
C GLU D 303 4.20 10.96 -38.89
N ALA D 304 4.61 10.37 -37.76
CA ALA D 304 4.25 10.91 -36.44
C ALA D 304 5.06 12.16 -36.15
N VAL D 305 6.39 12.04 -36.29
CA VAL D 305 7.29 13.18 -36.08
C VAL D 305 7.03 14.31 -37.10
N ALA D 306 6.70 13.96 -38.34
CA ALA D 306 6.38 14.97 -39.36
C ALA D 306 5.18 15.87 -38.98
N GLU D 307 4.19 15.27 -38.33
CA GLU D 307 3.02 16.00 -37.84
C GLU D 307 3.35 16.92 -36.65
N THR D 308 4.36 16.54 -35.85
CA THR D 308 4.85 17.38 -34.75
C THR D 308 5.61 18.61 -35.31
N LYS D 309 6.39 18.37 -36.37
CA LYS D 309 7.14 19.42 -37.07
C LYS D 309 6.23 20.39 -37.83
N ARG D 310 5.10 19.86 -38.29
CA ARG D 310 4.11 20.65 -39.01
C ARG D 310 3.46 21.66 -38.06
N MET D 311 3.32 21.27 -36.79
CA MET D 311 2.76 22.15 -35.78
C MET D 311 3.79 23.08 -35.11
N LYS D 312 5.00 22.57 -34.90
CA LYS D 312 6.13 23.36 -34.40
C LYS D 312 6.45 24.54 -35.33
N ALA D 313 6.51 24.27 -36.64
CA ALA D 313 6.72 25.31 -37.64
C ALA D 313 5.37 25.87 -38.06
N LEU D 314 4.85 26.79 -37.27
CA LEU D 314 3.46 27.19 -37.41
C LEU D 314 3.03 28.01 -36.20
N ILE D 315 3.90 28.08 -35.20
CA ILE D 315 3.70 29.00 -34.07
C ILE D 315 4.41 30.33 -34.35
#